data_1AJ8
#
_entry.id   1AJ8
#
_cell.length_a   98.290
_cell.length_b   98.290
_cell.length_c   238.030
_cell.angle_alpha   90.00
_cell.angle_beta   90.00
_cell.angle_gamma   90.00
#
_symmetry.space_group_name_H-M   'P 41 21 2'
#
loop_
_entity.id
_entity.type
_entity.pdbx_description
1 polymer 'CITRATE SYNTHASE'
2 non-polymer 'COENZYME A'
3 non-polymer 'CITRIC ACID'
4 water water
#
_entity_poly.entity_id   1
_entity_poly.type   'polypeptide(L)'
_entity_poly.pdbx_seq_one_letter_code
;LAKGLEDVYIDQTNICYIDGKEGKLYYRGYSVEELAELSTFEEVVYLLWWGKLPSLSELENFKKELAKSRGLPKEVIEIM
EALPKNTHPMGALRTIISYLGNIDDSGDIPVTPEEVYRIGISVTAKIPTIVANWYRIKNGLEYVPPKEKLSHAANFLYML
HGEEPPKEWEKAMDVALILYAEHEINASTLAVMTVGSTLSDYYSAILAGIGALKGPIHGGAVEEAIKQFMEIGSPEKVEE
WFFKALQQKRKIMGAGHRVYKTYDPRARIFKKYASKLGDKKLFEIAERLERLVEEYLSKKGISINVDYWSGLVFYGMKIP
IELYTTIFAMGRIAGWTAHLAEYVSHNRIIRPRLQYVGEIGKKYLPIELRR
;
_entity_poly.pdbx_strand_id   A,B
#
# COMPACT_ATOMS: atom_id res chain seq x y z
N LEU A 1 -3.00 24.36 3.63
CA LEU A 1 -3.04 23.13 2.77
C LEU A 1 -1.64 22.65 2.41
N ALA A 2 -1.26 21.47 2.91
CA ALA A 2 0.06 20.92 2.64
C ALA A 2 0.02 19.95 1.46
N LYS A 3 -0.05 20.49 0.24
CA LYS A 3 -0.12 19.67 -0.97
C LYS A 3 1.12 18.82 -1.18
N GLY A 4 0.91 17.52 -1.30
CA GLY A 4 2.01 16.59 -1.48
C GLY A 4 2.71 16.41 -0.15
N LEU A 5 2.13 16.97 0.91
CA LEU A 5 2.70 16.91 2.25
C LEU A 5 4.11 17.47 2.23
N GLU A 6 4.35 18.37 1.29
CA GLU A 6 5.67 18.98 1.15
C GLU A 6 6.13 19.70 2.41
N ASP A 7 7.31 19.32 2.89
CA ASP A 7 7.91 19.91 4.08
C ASP A 7 7.15 19.68 5.38
N VAL A 8 6.33 18.63 5.42
CA VAL A 8 5.61 18.31 6.65
C VAL A 8 6.40 17.16 7.27
N TYR A 9 6.89 17.36 8.48
CA TYR A 9 7.64 16.32 9.18
C TYR A 9 6.67 15.49 10.02
N ILE A 10 6.58 14.21 9.71
CA ILE A 10 5.63 13.33 10.38
C ILE A 10 6.11 12.56 11.61
N ASP A 11 7.40 12.64 11.90
CA ASP A 11 7.93 11.92 13.06
C ASP A 11 9.42 12.21 13.13
N GLN A 12 10.06 11.73 14.20
CA GLN A 12 11.49 11.88 14.40
C GLN A 12 12.08 10.60 13.83
N THR A 13 13.34 10.67 13.40
CA THR A 13 14.00 9.51 12.83
C THR A 13 15.49 9.49 13.13
N ASN A 14 16.03 8.28 13.23
CA ASN A 14 17.44 8.07 13.50
C ASN A 14 18.07 7.26 12.36
N ILE A 15 17.28 7.01 11.33
CA ILE A 15 17.75 6.20 10.21
C ILE A 15 18.56 6.90 9.14
N CYS A 16 17.99 7.92 8.52
CA CYS A 16 18.67 8.59 7.44
C CYS A 16 18.40 10.09 7.40
N TYR A 17 19.44 10.85 7.03
CA TYR A 17 19.32 12.29 6.92
C TYR A 17 19.63 12.74 5.50
N ILE A 18 18.79 13.62 4.96
CA ILE A 18 18.99 14.15 3.62
C ILE A 18 19.13 15.66 3.69
N ASP A 19 20.11 16.18 2.97
CA ASP A 19 20.33 17.61 2.90
C ASP A 19 19.98 17.96 1.46
N GLY A 20 18.74 18.36 1.24
CA GLY A 20 18.27 18.68 -0.10
C GLY A 20 18.94 19.82 -0.83
N LYS A 21 19.29 20.87 -0.10
CA LYS A 21 19.92 22.03 -0.72
C LYS A 21 21.39 21.79 -1.05
N GLU A 22 22.07 21.01 -0.22
CA GLU A 22 23.48 20.73 -0.45
C GLU A 22 23.72 19.41 -1.19
N GLY A 23 22.69 18.58 -1.30
CA GLY A 23 22.85 17.31 -1.99
C GLY A 23 23.72 16.33 -1.20
N LYS A 24 23.42 16.19 0.08
CA LYS A 24 24.15 15.28 0.96
C LYS A 24 23.22 14.21 1.51
N LEU A 25 23.73 12.99 1.66
CA LEU A 25 22.92 11.90 2.16
C LEU A 25 23.70 11.04 3.15
N TYR A 26 23.07 10.72 4.28
CA TYR A 26 23.71 9.91 5.30
C TYR A 26 22.81 8.76 5.76
N TYR A 27 23.41 7.59 5.94
CA TYR A 27 22.71 6.41 6.45
C TYR A 27 23.24 6.25 7.86
N ARG A 28 22.41 6.52 8.86
CA ARG A 28 22.84 6.37 10.24
C ARG A 28 24.11 7.14 10.53
N GLY A 29 24.24 8.32 9.93
CA GLY A 29 25.40 9.16 10.18
C GLY A 29 26.58 9.05 9.22
N TYR A 30 26.58 8.01 8.37
CA TYR A 30 27.66 7.80 7.41
C TYR A 30 27.23 8.21 6.01
N SER A 31 28.05 9.04 5.36
CA SER A 31 27.74 9.51 4.02
C SER A 31 27.56 8.35 3.05
N VAL A 32 26.68 8.52 2.08
CA VAL A 32 26.43 7.48 1.09
C VAL A 32 27.70 7.24 0.28
N GLU A 33 28.50 8.29 0.09
CA GLU A 33 29.75 8.19 -0.67
C GLU A 33 30.71 7.20 -0.01
N GLU A 34 30.91 7.39 1.28
CA GLU A 34 31.78 6.54 2.08
C GLU A 34 31.32 5.10 2.04
N LEU A 35 30.02 4.89 2.18
CA LEU A 35 29.47 3.54 2.17
C LEU A 35 29.55 2.90 0.80
N ALA A 36 29.27 3.69 -0.24
CA ALA A 36 29.33 3.17 -1.60
C ALA A 36 30.76 2.72 -1.91
N GLU A 37 31.73 3.41 -1.32
CA GLU A 37 33.14 3.11 -1.56
C GLU A 37 33.75 2.04 -0.66
N LEU A 38 33.36 2.01 0.60
CA LEU A 38 33.95 1.06 1.56
C LEU A 38 33.08 -0.06 2.12
N SER A 39 31.77 0.02 1.96
CA SER A 39 30.86 -0.98 2.51
C SER A 39 30.31 -1.96 1.48
N THR A 40 29.34 -2.76 1.90
CA THR A 40 28.68 -3.73 1.04
C THR A 40 27.19 -3.63 1.36
N PHE A 41 26.35 -4.20 0.52
CA PHE A 41 24.91 -4.14 0.79
C PHE A 41 24.58 -4.76 2.15
N GLU A 42 25.09 -5.98 2.39
CA GLU A 42 24.85 -6.67 3.66
C GLU A 42 25.23 -5.85 4.89
N GLU A 43 26.38 -5.19 4.82
CA GLU A 43 26.83 -4.37 5.94
C GLU A 43 25.94 -3.14 6.09
N VAL A 44 25.52 -2.58 4.96
CA VAL A 44 24.67 -1.41 4.96
C VAL A 44 23.31 -1.77 5.57
N VAL A 45 22.78 -2.93 5.22
CA VAL A 45 21.51 -3.36 5.76
C VAL A 45 21.64 -3.51 7.27
N TYR A 46 22.75 -4.11 7.71
CA TYR A 46 22.99 -4.28 9.13
C TYR A 46 23.00 -2.92 9.81
N LEU A 47 23.73 -1.97 9.23
CA LEU A 47 23.83 -0.62 9.77
C LEU A 47 22.45 0.05 9.87
N LEU A 48 21.68 -0.04 8.78
CA LEU A 48 20.35 0.56 8.74
C LEU A 48 19.38 0.02 9.80
N TRP A 49 19.43 -1.28 10.07
CA TRP A 49 18.50 -1.88 11.02
C TRP A 49 18.91 -1.79 12.48
N TRP A 50 20.21 -1.94 12.76
CA TRP A 50 20.66 -1.89 14.14
C TRP A 50 21.39 -0.62 14.59
N GLY A 51 21.59 0.30 13.66
CA GLY A 51 22.20 1.57 14.00
C GLY A 51 23.70 1.77 14.02
N LYS A 52 24.48 0.71 13.85
CA LYS A 52 25.93 0.83 13.85
C LYS A 52 26.55 -0.22 12.94
N LEU A 53 27.82 -0.02 12.60
CA LEU A 53 28.55 -0.94 11.74
C LEU A 53 28.77 -2.22 12.53
N PRO A 54 28.60 -3.38 11.88
CA PRO A 54 28.79 -4.66 12.58
C PRO A 54 30.24 -5.03 12.84
N SER A 55 30.43 -5.88 13.84
CA SER A 55 31.76 -6.36 14.17
C SER A 55 31.99 -7.50 13.18
N LEU A 56 33.19 -8.04 13.17
CA LEU A 56 33.51 -9.13 12.27
C LEU A 56 32.49 -10.26 12.38
N SER A 57 32.24 -10.71 13.60
CA SER A 57 31.32 -11.81 13.85
C SER A 57 29.87 -11.45 13.63
N GLU A 58 29.51 -10.20 13.93
CA GLU A 58 28.13 -9.76 13.75
C GLU A 58 27.77 -9.79 12.27
N LEU A 59 28.70 -9.33 11.44
CA LEU A 59 28.46 -9.32 10.01
C LEU A 59 28.42 -10.73 9.42
N GLU A 60 29.37 -11.58 9.81
CA GLU A 60 29.41 -12.95 9.30
C GLU A 60 28.15 -13.71 9.66
N ASN A 61 27.69 -13.52 10.87
CA ASN A 61 26.48 -14.20 11.32
C ASN A 61 25.23 -13.67 10.61
N PHE A 62 25.17 -12.37 10.37
CA PHE A 62 24.03 -11.77 9.69
C PHE A 62 24.03 -12.24 8.23
N LYS A 63 25.21 -12.26 7.61
CA LYS A 63 25.33 -12.70 6.22
C LYS A 63 24.86 -14.14 6.09
N LYS A 64 25.08 -14.93 7.14
CA LYS A 64 24.68 -16.33 7.17
C LYS A 64 23.17 -16.48 7.26
N GLU A 65 22.53 -15.67 8.10
CA GLU A 65 21.08 -15.71 8.24
C GLU A 65 20.41 -15.41 6.91
N LEU A 66 20.93 -14.39 6.24
CA LEU A 66 20.41 -13.97 4.95
C LEU A 66 20.58 -15.08 3.92
N ALA A 67 21.83 -15.52 3.74
CA ALA A 67 22.16 -16.55 2.76
C ALA A 67 21.24 -17.76 2.84
N LYS A 68 20.96 -18.23 4.04
CA LYS A 68 20.10 -19.40 4.19
C LYS A 68 18.62 -19.07 4.04
N SER A 69 18.31 -17.82 3.74
CA SER A 69 16.93 -17.38 3.58
C SER A 69 16.57 -17.05 2.14
N ARG A 70 17.55 -17.12 1.23
CA ARG A 70 17.35 -16.81 -0.18
C ARG A 70 16.48 -17.76 -0.97
N GLY A 71 16.36 -19.00 -0.51
CA GLY A 71 15.58 -19.99 -1.23
C GLY A 71 14.07 -19.78 -1.19
N LEU A 72 13.39 -20.28 -2.22
CA LEU A 72 11.94 -20.16 -2.30
C LEU A 72 11.25 -21.52 -2.19
N PRO A 73 10.27 -21.65 -1.29
CA PRO A 73 9.57 -22.92 -1.14
C PRO A 73 8.99 -23.34 -2.49
N LYS A 74 8.84 -24.64 -2.69
CA LYS A 74 8.30 -25.14 -3.94
C LYS A 74 6.94 -24.56 -4.32
N GLU A 75 6.06 -24.34 -3.34
CA GLU A 75 4.74 -23.79 -3.64
C GLU A 75 4.84 -22.39 -4.20
N VAL A 76 5.85 -21.65 -3.74
CA VAL A 76 6.06 -20.29 -4.23
C VAL A 76 6.45 -20.35 -5.71
N ILE A 77 7.37 -21.25 -6.03
CA ILE A 77 7.80 -21.39 -7.42
C ILE A 77 6.60 -21.79 -8.30
N GLU A 78 5.73 -22.63 -7.75
CA GLU A 78 4.54 -23.09 -8.46
C GLU A 78 3.61 -21.92 -8.78
N ILE A 79 3.45 -20.99 -7.83
CA ILE A 79 2.59 -19.84 -8.07
C ILE A 79 3.24 -18.97 -9.14
N MET A 80 4.56 -18.83 -9.10
CA MET A 80 5.29 -18.04 -10.10
C MET A 80 5.02 -18.64 -11.48
N GLU A 81 5.04 -19.97 -11.55
CA GLU A 81 4.80 -20.66 -12.82
C GLU A 81 3.36 -20.52 -13.28
N ALA A 82 2.47 -20.08 -12.39
CA ALA A 82 1.06 -19.91 -12.73
C ALA A 82 0.71 -18.47 -13.14
N LEU A 83 1.64 -17.55 -12.97
CA LEU A 83 1.40 -16.15 -13.32
C LEU A 83 1.39 -15.95 -14.83
N PRO A 84 0.59 -14.99 -15.34
CA PRO A 84 0.57 -14.76 -16.79
C PRO A 84 2.00 -14.44 -17.21
N LYS A 85 2.53 -15.18 -18.18
CA LYS A 85 3.89 -15.01 -18.65
C LYS A 85 4.26 -13.57 -19.00
N ASN A 86 3.26 -12.77 -19.38
CA ASN A 86 3.50 -11.38 -19.74
C ASN A 86 3.45 -10.41 -18.56
N THR A 87 3.23 -10.93 -17.36
CA THR A 87 3.17 -10.08 -16.17
C THR A 87 4.47 -9.32 -15.98
N HIS A 88 4.37 -8.01 -15.81
CA HIS A 88 5.55 -7.19 -15.61
C HIS A 88 6.16 -7.53 -14.25
N PRO A 89 7.50 -7.49 -14.14
CA PRO A 89 8.21 -7.81 -12.91
C PRO A 89 7.73 -7.21 -11.58
N MET A 90 7.46 -5.92 -11.53
CA MET A 90 7.02 -5.31 -10.26
C MET A 90 5.66 -5.89 -9.85
N GLY A 91 4.79 -6.09 -10.82
CA GLY A 91 3.47 -6.65 -10.55
C GLY A 91 3.57 -8.11 -10.16
N ALA A 92 4.53 -8.82 -10.75
CA ALA A 92 4.75 -10.22 -10.43
C ALA A 92 5.28 -10.32 -9.02
N LEU A 93 6.24 -9.46 -8.69
CA LEU A 93 6.84 -9.44 -7.34
C LEU A 93 5.74 -9.15 -6.30
N ARG A 94 4.88 -8.20 -6.63
CA ARG A 94 3.77 -7.83 -5.75
C ARG A 94 2.97 -9.07 -5.35
N THR A 95 2.52 -9.83 -6.35
CA THR A 95 1.74 -11.02 -6.08
C THR A 95 2.53 -12.10 -5.32
N ILE A 96 3.78 -12.32 -5.70
CA ILE A 96 4.60 -13.33 -5.05
C ILE A 96 4.86 -12.98 -3.60
N ILE A 97 5.13 -11.70 -3.34
CA ILE A 97 5.37 -11.30 -1.97
C ILE A 97 4.09 -11.46 -1.13
N SER A 98 2.95 -11.20 -1.78
CA SER A 98 1.68 -11.35 -1.09
C SER A 98 1.46 -12.82 -0.75
N TYR A 99 1.82 -13.71 -1.67
CA TYR A 99 1.66 -15.15 -1.45
C TYR A 99 2.63 -15.62 -0.38
N LEU A 100 3.82 -15.04 -0.36
CA LEU A 100 4.82 -15.39 0.65
C LEU A 100 4.22 -15.10 2.03
N GLY A 101 3.46 -14.01 2.11
CA GLY A 101 2.83 -13.64 3.37
C GLY A 101 1.78 -14.63 3.79
N ASN A 102 1.00 -15.12 2.83
CA ASN A 102 -0.06 -16.09 3.08
C ASN A 102 0.47 -17.40 3.66
N ILE A 103 1.67 -17.81 3.25
CA ILE A 103 2.26 -19.06 3.73
C ILE A 103 3.15 -18.89 4.96
N ASP A 104 3.42 -17.64 5.34
CA ASP A 104 4.25 -17.36 6.50
C ASP A 104 3.39 -17.46 7.76
N ASP A 105 3.90 -18.16 8.77
CA ASP A 105 3.19 -18.33 10.04
C ASP A 105 2.87 -16.97 10.66
N SER A 106 3.72 -15.98 10.39
CA SER A 106 3.52 -14.63 10.91
C SER A 106 2.95 -13.65 9.89
N GLY A 107 2.31 -14.20 8.85
CA GLY A 107 1.74 -13.37 7.81
C GLY A 107 0.63 -12.42 8.22
N ASP A 108 -0.02 -12.67 9.36
CA ASP A 108 -1.10 -11.80 9.81
C ASP A 108 -0.82 -11.12 11.14
N ILE A 109 0.32 -11.44 11.73
CA ILE A 109 0.69 -10.86 13.02
C ILE A 109 0.96 -9.36 12.95
N PRO A 110 0.36 -8.59 13.87
CA PRO A 110 0.57 -7.13 13.90
C PRO A 110 2.07 -6.84 14.10
N VAL A 111 2.60 -5.92 13.30
CA VAL A 111 4.01 -5.57 13.36
C VAL A 111 4.51 -5.01 14.69
N THR A 112 5.73 -5.41 15.03
CA THR A 112 6.43 -4.95 16.22
C THR A 112 7.87 -4.89 15.70
N PRO A 113 8.68 -3.96 16.23
CA PRO A 113 10.08 -3.83 15.80
C PRO A 113 10.87 -5.13 15.62
N GLU A 114 10.91 -5.94 16.66
CA GLU A 114 11.65 -7.20 16.63
C GLU A 114 11.20 -8.12 15.50
N GLU A 115 9.88 -8.29 15.40
CA GLU A 115 9.30 -9.16 14.39
C GLU A 115 9.51 -8.63 12.97
N VAL A 116 9.52 -7.30 12.82
CA VAL A 116 9.72 -6.69 11.51
C VAL A 116 11.11 -7.04 10.98
N TYR A 117 12.12 -6.96 11.83
CA TYR A 117 13.48 -7.29 11.41
C TYR A 117 13.59 -8.77 11.09
N ARG A 118 12.91 -9.60 11.88
CA ARG A 118 12.96 -11.03 11.63
C ARG A 118 12.41 -11.34 10.24
N ILE A 119 11.19 -10.88 9.98
CA ILE A 119 10.58 -11.12 8.67
C ILE A 119 11.41 -10.44 7.58
N GLY A 120 11.94 -9.27 7.91
CA GLY A 120 12.75 -8.53 6.95
C GLY A 120 13.93 -9.33 6.41
N ILE A 121 14.56 -10.13 7.28
CA ILE A 121 15.70 -10.94 6.84
C ILE A 121 15.26 -11.90 5.75
N SER A 122 14.09 -12.52 5.95
CA SER A 122 13.58 -13.47 4.99
C SER A 122 13.17 -12.83 3.66
N VAL A 123 12.44 -11.73 3.74
CA VAL A 123 12.00 -11.08 2.52
C VAL A 123 13.15 -10.37 1.80
N THR A 124 14.05 -9.76 2.57
CA THR A 124 15.19 -9.09 1.94
C THR A 124 16.00 -10.13 1.16
N ALA A 125 16.29 -11.25 1.81
CA ALA A 125 17.08 -12.31 1.17
C ALA A 125 16.39 -12.91 -0.04
N LYS A 126 15.06 -13.00 -0.01
CA LYS A 126 14.28 -13.60 -1.09
C LYS A 126 13.96 -12.78 -2.35
N ILE A 127 13.87 -11.46 -2.24
CA ILE A 127 13.54 -10.68 -3.43
C ILE A 127 14.40 -10.94 -4.66
N PRO A 128 15.73 -10.99 -4.52
CA PRO A 128 16.54 -11.25 -5.71
C PRO A 128 16.21 -12.59 -6.37
N THR A 129 15.93 -13.61 -5.55
CA THR A 129 15.60 -14.94 -6.07
C THR A 129 14.28 -14.89 -6.84
N ILE A 130 13.34 -14.09 -6.37
CA ILE A 130 12.04 -13.97 -7.03
C ILE A 130 12.20 -13.22 -8.35
N VAL A 131 12.93 -12.10 -8.30
CA VAL A 131 13.12 -11.26 -9.49
C VAL A 131 13.87 -11.96 -10.62
N ALA A 132 15.02 -12.54 -10.31
CA ALA A 132 15.83 -13.23 -11.32
C ALA A 132 15.07 -14.42 -11.90
N ASN A 133 14.49 -15.22 -11.03
CA ASN A 133 13.78 -16.40 -11.50
C ASN A 133 12.42 -16.13 -12.11
N TRP A 134 11.91 -14.92 -11.93
CA TRP A 134 10.65 -14.59 -12.58
C TRP A 134 11.02 -14.34 -14.03
N TYR A 135 12.17 -13.70 -14.26
CA TYR A 135 12.61 -13.43 -15.62
C TYR A 135 12.86 -14.75 -16.35
N ARG A 136 13.49 -15.68 -15.64
CA ARG A 136 13.78 -16.99 -16.23
C ARG A 136 12.50 -17.77 -16.51
N ILE A 137 11.65 -17.94 -15.51
CA ILE A 137 10.41 -18.68 -15.68
C ILE A 137 9.50 -18.09 -16.75
N LYS A 138 9.36 -16.77 -16.77
CA LYS A 138 8.50 -16.15 -17.77
C LYS A 138 9.06 -16.31 -19.17
N ASN A 139 10.32 -16.72 -19.26
CA ASN A 139 10.99 -16.90 -20.55
C ASN A 139 11.34 -18.35 -20.85
N GLY A 140 10.75 -19.27 -20.10
CA GLY A 140 11.01 -20.67 -20.33
C GLY A 140 12.40 -21.13 -19.96
N LEU A 141 13.07 -20.41 -19.07
CA LEU A 141 14.42 -20.79 -18.65
C LEU A 141 14.32 -21.61 -17.40
N GLU A 142 15.37 -22.35 -17.10
CA GLU A 142 15.40 -23.18 -15.90
C GLU A 142 15.57 -22.33 -14.67
N TYR A 143 14.88 -22.71 -13.59
CA TYR A 143 14.99 -21.99 -12.34
C TYR A 143 16.39 -22.21 -11.77
N VAL A 144 17.02 -21.14 -11.29
CA VAL A 144 18.36 -21.24 -10.73
C VAL A 144 18.36 -20.90 -9.25
N PRO A 145 18.51 -21.91 -8.39
CA PRO A 145 18.51 -21.67 -6.95
C PRO A 145 19.68 -20.76 -6.55
N PRO A 146 19.53 -20.03 -5.44
CA PRO A 146 20.62 -19.14 -5.01
C PRO A 146 21.89 -19.91 -4.62
N LYS A 147 23.02 -19.22 -4.63
CA LYS A 147 24.31 -19.81 -4.26
C LYS A 147 24.75 -19.17 -2.95
N GLU A 148 24.55 -19.87 -1.85
CA GLU A 148 24.88 -19.39 -0.51
C GLU A 148 26.24 -18.68 -0.36
N LYS A 149 27.24 -19.10 -1.11
CA LYS A 149 28.58 -18.52 -1.02
C LYS A 149 28.73 -17.15 -1.67
N LEU A 150 27.92 -16.84 -2.66
CA LEU A 150 28.01 -15.54 -3.35
C LEU A 150 27.42 -14.45 -2.50
N SER A 151 27.84 -13.21 -2.74
CA SER A 151 27.30 -12.08 -1.99
C SER A 151 25.88 -11.90 -2.50
N HIS A 152 25.10 -11.09 -1.79
CA HIS A 152 23.72 -10.84 -2.18
C HIS A 152 23.68 -10.35 -3.62
N ALA A 153 24.55 -9.39 -3.94
CA ALA A 153 24.63 -8.81 -5.28
C ALA A 153 25.12 -9.79 -6.34
N ALA A 154 26.18 -10.54 -6.04
CA ALA A 154 26.73 -11.50 -6.98
C ALA A 154 25.72 -12.60 -7.24
N ASN A 155 25.09 -13.08 -6.18
CA ASN A 155 24.12 -14.14 -6.32
C ASN A 155 22.93 -13.74 -7.20
N PHE A 156 22.57 -12.47 -7.23
CA PHE A 156 21.46 -12.04 -8.07
C PHE A 156 21.88 -12.17 -9.54
N LEU A 157 23.08 -11.67 -9.84
CA LEU A 157 23.61 -11.74 -11.20
C LEU A 157 23.80 -13.22 -11.57
N TYR A 158 24.16 -14.03 -10.59
CA TYR A 158 24.35 -15.46 -10.83
C TYR A 158 23.06 -16.17 -11.21
N MET A 159 22.00 -15.97 -10.42
CA MET A 159 20.71 -16.59 -10.69
C MET A 159 20.12 -16.10 -11.99
N LEU A 160 20.29 -14.82 -12.27
CA LEU A 160 19.74 -14.25 -13.50
C LEU A 160 20.44 -14.76 -14.76
N HIS A 161 21.77 -14.77 -14.75
CA HIS A 161 22.56 -15.19 -15.90
C HIS A 161 22.90 -16.67 -15.93
N GLY A 162 22.80 -17.34 -14.79
CA GLY A 162 23.14 -18.74 -14.73
C GLY A 162 24.65 -18.92 -14.67
N GLU A 163 25.35 -17.81 -14.44
CA GLU A 163 26.81 -17.81 -14.33
C GLU A 163 27.25 -16.71 -13.38
N GLU A 164 28.25 -17.01 -12.55
CA GLU A 164 28.75 -16.05 -11.59
C GLU A 164 29.31 -14.84 -12.34
N PRO A 165 29.07 -13.63 -11.82
CA PRO A 165 29.56 -12.44 -12.49
C PRO A 165 31.01 -12.06 -12.20
N PRO A 166 31.62 -11.22 -13.05
CA PRO A 166 33.00 -10.78 -12.86
C PRO A 166 33.04 -9.76 -11.70
N LYS A 167 34.22 -9.56 -11.12
CA LYS A 167 34.38 -8.64 -10.01
C LYS A 167 33.74 -7.27 -10.22
N GLU A 168 34.01 -6.64 -11.37
CA GLU A 168 33.45 -5.32 -11.65
C GLU A 168 31.93 -5.30 -11.65
N TRP A 169 31.31 -6.42 -12.00
CA TRP A 169 29.85 -6.49 -12.01
C TRP A 169 29.32 -6.66 -10.59
N GLU A 170 29.96 -7.50 -9.79
CA GLU A 170 29.53 -7.70 -8.42
C GLU A 170 29.63 -6.35 -7.70
N LYS A 171 30.68 -5.61 -8.01
CA LYS A 171 30.89 -4.31 -7.39
C LYS A 171 29.83 -3.28 -7.78
N ALA A 172 29.58 -3.14 -9.07
CA ALA A 172 28.57 -2.19 -9.55
C ALA A 172 27.20 -2.53 -8.98
N MET A 173 26.87 -3.81 -9.00
CA MET A 173 25.59 -4.29 -8.50
C MET A 173 25.44 -4.03 -7.00
N ASP A 174 26.47 -4.36 -6.23
CA ASP A 174 26.47 -4.15 -4.78
C ASP A 174 26.31 -2.67 -4.46
N VAL A 175 27.04 -1.83 -5.18
CA VAL A 175 26.98 -0.39 -4.99
C VAL A 175 25.57 0.11 -5.31
N ALA A 176 24.97 -0.46 -6.36
CA ALA A 176 23.62 -0.08 -6.77
C ALA A 176 22.62 -0.33 -5.65
N LEU A 177 22.75 -1.48 -5.01
CA LEU A 177 21.87 -1.86 -3.91
C LEU A 177 22.05 -0.92 -2.72
N ILE A 178 23.29 -0.52 -2.45
CA ILE A 178 23.60 0.39 -1.35
C ILE A 178 22.94 1.74 -1.63
N LEU A 179 23.08 2.20 -2.87
CA LEU A 179 22.53 3.50 -3.27
C LEU A 179 21.00 3.52 -3.26
N TYR A 180 20.38 2.37 -3.42
CA TYR A 180 18.92 2.28 -3.43
C TYR A 180 18.35 1.84 -2.09
N ALA A 181 19.23 1.49 -1.16
CA ALA A 181 18.82 0.96 0.15
C ALA A 181 17.87 1.80 1.01
N GLU A 182 18.15 3.09 1.13
CA GLU A 182 17.36 3.94 2.00
C GLU A 182 17.32 5.40 1.58
N HIS A 183 16.17 6.04 1.76
CA HIS A 183 16.07 7.45 1.44
C HIS A 183 14.98 8.22 2.21
N GLU A 184 15.02 8.10 3.54
CA GLU A 184 14.08 8.79 4.40
C GLU A 184 12.63 8.46 4.03
N ILE A 185 11.73 9.43 4.13
CA ILE A 185 10.32 9.17 3.85
C ILE A 185 9.80 9.56 2.46
N ASN A 186 10.30 8.84 1.45
CA ASN A 186 9.87 9.04 0.08
C ASN A 186 8.47 8.43 0.03
N ALA A 187 7.80 8.53 -1.11
CA ALA A 187 6.44 8.00 -1.26
C ALA A 187 6.27 6.54 -0.88
N SER A 188 7.15 5.66 -1.38
CA SER A 188 7.02 4.24 -1.08
C SER A 188 7.23 3.97 0.41
N THR A 189 8.20 4.64 1.03
CA THR A 189 8.44 4.44 2.46
C THR A 189 7.25 5.00 3.27
N LEU A 190 6.64 6.08 2.81
CA LEU A 190 5.48 6.63 3.52
C LEU A 190 4.34 5.60 3.47
N ALA A 191 4.12 5.00 2.30
CA ALA A 191 3.06 4.01 2.12
C ALA A 191 3.28 2.84 3.06
N VAL A 192 4.53 2.40 3.18
CA VAL A 192 4.87 1.28 4.07
C VAL A 192 4.55 1.67 5.51
N MET A 193 4.96 2.88 5.90
CA MET A 193 4.73 3.36 7.26
C MET A 193 3.24 3.58 7.58
N THR A 194 2.47 4.03 6.58
CA THR A 194 1.03 4.26 6.79
C THR A 194 0.31 2.93 7.10
N VAL A 195 0.64 1.90 6.33
CA VAL A 195 0.06 0.58 6.54
C VAL A 195 0.50 0.07 7.91
N GLY A 196 1.77 0.28 8.22
CA GLY A 196 2.30 -0.17 9.50
C GLY A 196 1.64 0.54 10.68
N SER A 197 1.25 1.80 10.48
CA SER A 197 0.62 2.59 11.55
C SER A 197 -0.75 2.07 12.00
N THR A 198 -1.33 1.13 11.25
CA THR A 198 -2.62 0.56 11.65
C THR A 198 -2.32 -0.76 12.35
N LEU A 199 -1.02 -1.05 12.50
CA LEU A 199 -0.54 -2.26 13.12
C LEU A 199 -0.86 -3.50 12.28
N SER A 200 -0.90 -3.31 10.96
CA SER A 200 -1.15 -4.40 10.04
C SER A 200 0.10 -5.30 10.02
N ASP A 201 0.13 -6.28 9.14
CA ASP A 201 1.26 -7.20 9.06
C ASP A 201 2.39 -6.69 8.15
N TYR A 202 3.59 -7.25 8.32
CA TYR A 202 4.76 -6.87 7.54
C TYR A 202 4.54 -6.90 6.03
N TYR A 203 3.96 -7.98 5.53
CA TYR A 203 3.74 -8.14 4.10
C TYR A 203 2.81 -7.08 3.52
N SER A 204 1.71 -6.80 4.20
CA SER A 204 0.78 -5.78 3.73
C SER A 204 1.52 -4.45 3.60
N ALA A 205 2.39 -4.17 4.57
CA ALA A 205 3.13 -2.92 4.55
C ALA A 205 4.12 -2.87 3.38
N ILE A 206 4.93 -3.91 3.22
CA ILE A 206 5.89 -3.92 2.13
C ILE A 206 5.20 -3.88 0.77
N LEU A 207 4.02 -4.50 0.66
CA LEU A 207 3.28 -4.50 -0.60
C LEU A 207 2.89 -3.06 -1.02
N ALA A 208 2.60 -2.21 -0.04
CA ALA A 208 2.25 -0.83 -0.34
C ALA A 208 3.49 -0.12 -0.89
N GLY A 209 4.64 -0.48 -0.35
CA GLY A 209 5.89 0.09 -0.81
C GLY A 209 6.11 -0.30 -2.27
N ILE A 210 5.96 -1.59 -2.55
CA ILE A 210 6.13 -2.11 -3.91
C ILE A 210 5.20 -1.37 -4.87
N GLY A 211 3.94 -1.24 -4.48
CA GLY A 211 2.97 -0.56 -5.32
C GLY A 211 3.35 0.88 -5.60
N ALA A 212 3.83 1.59 -4.59
CA ALA A 212 4.21 2.98 -4.78
C ALA A 212 5.50 3.10 -5.59
N LEU A 213 6.50 2.28 -5.27
CA LEU A 213 7.78 2.32 -5.97
C LEU A 213 7.61 2.09 -7.47
N LYS A 214 6.61 1.29 -7.80
CA LYS A 214 6.28 0.93 -9.18
C LYS A 214 5.95 2.15 -10.07
N GLY A 215 5.37 3.19 -9.47
CA GLY A 215 4.99 4.37 -10.22
C GLY A 215 6.08 5.01 -11.07
N PRO A 216 5.75 5.43 -12.31
CA PRO A 216 6.70 6.04 -13.24
C PRO A 216 7.37 7.33 -12.75
N ILE A 217 6.75 8.04 -11.81
CA ILE A 217 7.40 9.25 -11.31
C ILE A 217 8.08 8.96 -9.97
N HIS A 218 8.13 7.68 -9.61
CA HIS A 218 8.85 7.27 -8.42
C HIS A 218 9.91 6.29 -8.93
N GLY A 219 10.08 5.15 -8.28
CA GLY A 219 11.08 4.19 -8.72
C GLY A 219 10.97 3.73 -10.18
N GLY A 220 9.77 3.74 -10.73
CA GLY A 220 9.58 3.32 -12.11
C GLY A 220 10.35 4.17 -13.11
N ALA A 221 10.80 5.35 -12.66
CA ALA A 221 11.54 6.24 -13.54
C ALA A 221 12.89 5.64 -13.96
N VAL A 222 13.38 4.66 -13.22
CA VAL A 222 14.64 4.03 -13.57
C VAL A 222 14.49 3.39 -14.95
N GLU A 223 13.31 2.85 -15.23
CA GLU A 223 13.06 2.24 -16.53
C GLU A 223 12.69 3.30 -17.56
N GLU A 224 11.94 4.31 -17.14
CA GLU A 224 11.53 5.37 -18.06
C GLU A 224 12.74 6.19 -18.52
N ALA A 225 13.70 6.40 -17.63
CA ALA A 225 14.89 7.18 -17.97
C ALA A 225 15.67 6.56 -19.13
N ILE A 226 16.04 5.29 -19.00
CA ILE A 226 16.80 4.63 -20.07
C ILE A 226 16.02 4.53 -21.38
N LYS A 227 14.71 4.26 -21.30
CA LYS A 227 13.88 4.18 -22.50
C LYS A 227 13.83 5.57 -23.15
N GLN A 228 13.96 6.59 -22.32
CA GLN A 228 13.94 7.98 -22.78
C GLN A 228 15.17 8.30 -23.64
N PHE A 229 16.33 7.84 -23.21
CA PHE A 229 17.56 8.06 -23.97
C PHE A 229 17.44 7.32 -25.30
N MET A 230 16.92 6.09 -25.24
CA MET A 230 16.73 5.27 -26.42
C MET A 230 15.76 5.93 -27.38
N GLU A 231 14.74 6.59 -26.82
CA GLU A 231 13.76 7.27 -27.63
C GLU A 231 14.40 8.45 -28.35
N ILE A 232 15.31 9.16 -27.67
CA ILE A 232 15.97 10.30 -28.28
C ILE A 232 16.75 9.82 -29.50
N GLY A 233 17.40 8.67 -29.38
CA GLY A 233 18.10 8.10 -30.51
C GLY A 233 19.58 8.38 -30.71
N SER A 234 19.94 9.65 -30.86
CA SER A 234 21.34 10.01 -31.07
C SER A 234 21.62 11.28 -30.31
N PRO A 235 22.89 11.50 -29.93
CA PRO A 235 23.24 12.72 -29.19
C PRO A 235 22.84 13.97 -29.95
N GLU A 236 22.81 13.89 -31.28
CA GLU A 236 22.47 15.02 -32.12
C GLU A 236 21.02 15.48 -32.00
N LYS A 237 20.13 14.57 -31.59
CA LYS A 237 18.71 14.91 -31.47
C LYS A 237 18.26 15.32 -30.07
N VAL A 238 19.20 15.30 -29.13
CA VAL A 238 18.89 15.66 -27.76
C VAL A 238 18.29 17.05 -27.60
N GLU A 239 19.02 18.06 -28.03
CA GLU A 239 18.56 19.44 -27.90
C GLU A 239 17.15 19.67 -28.42
N GLU A 240 16.89 19.20 -29.64
CA GLU A 240 15.56 19.37 -30.23
C GLU A 240 14.51 18.66 -29.38
N TRP A 241 14.86 17.49 -28.87
CA TRP A 241 13.94 16.72 -28.04
C TRP A 241 13.66 17.44 -26.73
N PHE A 242 14.70 18.03 -26.15
CA PHE A 242 14.59 18.74 -24.89
C PHE A 242 13.61 19.91 -24.94
N PHE A 243 13.79 20.82 -25.90
CA PHE A 243 12.89 21.97 -25.99
C PHE A 243 11.47 21.59 -26.35
N LYS A 244 11.29 20.48 -27.05
CA LYS A 244 9.96 20.02 -27.40
C LYS A 244 9.31 19.54 -26.11
N ALA A 245 10.08 18.82 -25.29
CA ALA A 245 9.59 18.31 -24.02
C ALA A 245 9.18 19.46 -23.10
N LEU A 246 9.97 20.51 -23.07
CA LEU A 246 9.67 21.66 -22.24
C LEU A 246 8.38 22.31 -22.71
N GLN A 247 8.28 22.48 -24.02
CA GLN A 247 7.09 23.08 -24.61
C GLN A 247 5.86 22.24 -24.27
N GLN A 248 6.00 20.92 -24.37
CA GLN A 248 4.92 19.98 -24.10
C GLN A 248 4.65 19.79 -22.61
N LYS A 249 5.50 20.36 -21.77
CA LYS A 249 5.35 20.21 -20.34
C LYS A 249 5.55 18.75 -19.96
N ARG A 250 6.39 18.04 -20.72
CA ARG A 250 6.67 16.64 -20.45
C ARG A 250 7.75 16.52 -19.37
N LYS A 251 7.60 15.57 -18.47
CA LYS A 251 8.58 15.39 -17.41
C LYS A 251 9.84 14.72 -17.96
N ILE A 252 11.01 15.25 -17.65
CA ILE A 252 12.25 14.62 -18.08
C ILE A 252 12.51 13.58 -17.01
N MET A 253 12.43 12.31 -17.40
CA MET A 253 12.64 11.22 -16.47
C MET A 253 14.08 11.13 -15.96
N GLY A 254 14.22 10.95 -14.65
CA GLY A 254 15.54 10.88 -14.04
C GLY A 254 15.96 12.23 -13.53
N ALA A 255 15.08 13.23 -13.72
CA ALA A 255 15.35 14.58 -13.27
C ALA A 255 14.27 15.03 -12.30
N GLY A 256 14.63 15.92 -11.38
CA GLY A 256 13.68 16.42 -10.41
C GLY A 256 13.65 15.60 -9.14
N HIS A 257 13.33 16.25 -8.04
CA HIS A 257 13.26 15.58 -6.75
C HIS A 257 12.55 16.47 -5.74
N ARG A 258 11.73 15.87 -4.88
CA ARG A 258 11.01 16.64 -3.89
C ARG A 258 11.97 17.27 -2.89
N VAL A 259 13.02 16.55 -2.52
CA VAL A 259 13.99 17.06 -1.53
C VAL A 259 15.22 17.71 -2.13
N TYR A 260 15.94 16.99 -2.99
CA TYR A 260 17.14 17.54 -3.61
C TYR A 260 16.79 18.63 -4.59
N LYS A 261 17.44 19.78 -4.44
CA LYS A 261 17.24 20.91 -5.34
C LYS A 261 18.57 21.14 -6.04
N THR A 262 19.40 20.11 -6.01
CA THR A 262 20.72 20.11 -6.64
C THR A 262 21.01 18.65 -7.00
N TYR A 263 22.12 18.42 -7.69
CA TYR A 263 22.51 17.08 -8.09
C TYR A 263 22.41 16.07 -6.94
N ASP A 264 21.70 14.98 -7.21
CA ASP A 264 21.50 13.88 -6.25
C ASP A 264 22.87 13.22 -6.01
N PRO A 265 23.29 13.09 -4.74
CA PRO A 265 24.59 12.47 -4.44
C PRO A 265 24.70 11.04 -4.97
N ARG A 266 23.57 10.34 -5.04
CA ARG A 266 23.58 8.97 -5.54
C ARG A 266 23.73 8.96 -7.05
N ALA A 267 23.22 10.01 -7.71
CA ALA A 267 23.30 10.15 -9.16
C ALA A 267 24.75 10.39 -9.60
N ARG A 268 25.52 11.09 -8.77
CA ARG A 268 26.92 11.36 -9.06
C ARG A 268 27.68 10.03 -9.14
N ILE A 269 27.44 9.17 -8.15
CA ILE A 269 28.09 7.86 -8.09
C ILE A 269 27.62 6.94 -9.21
N PHE A 270 26.33 6.95 -9.51
CA PHE A 270 25.79 6.12 -10.58
C PHE A 270 26.38 6.53 -11.93
N LYS A 271 26.51 7.85 -12.15
CA LYS A 271 27.06 8.36 -13.40
C LYS A 271 28.49 7.84 -13.59
N LYS A 272 29.23 7.75 -12.50
CA LYS A 272 30.59 7.27 -12.56
C LYS A 272 30.59 5.81 -13.07
N TYR A 273 29.68 4.99 -12.54
CA TYR A 273 29.60 3.60 -12.96
C TYR A 273 29.04 3.46 -14.37
N ALA A 274 28.14 4.37 -14.75
CA ALA A 274 27.55 4.32 -16.08
C ALA A 274 28.61 4.69 -17.09
N SER A 275 29.55 5.52 -16.67
CA SER A 275 30.62 5.97 -17.53
C SER A 275 31.55 4.82 -17.91
N LYS A 276 31.88 3.99 -16.93
CA LYS A 276 32.76 2.87 -17.20
C LYS A 276 32.06 1.60 -17.67
N LEU A 277 30.78 1.43 -17.36
CA LEU A 277 30.07 0.21 -17.76
C LEU A 277 28.96 0.42 -18.78
N GLY A 278 28.49 1.65 -18.94
CA GLY A 278 27.39 1.92 -19.86
C GLY A 278 27.70 1.97 -21.34
N ASP A 279 26.64 1.83 -22.13
CA ASP A 279 26.76 1.89 -23.58
C ASP A 279 27.24 3.28 -23.93
N LYS A 280 28.26 3.36 -24.78
CA LYS A 280 28.84 4.64 -25.18
C LYS A 280 27.85 5.65 -25.76
N LYS A 281 27.02 5.22 -26.70
CA LYS A 281 26.07 6.12 -27.33
C LYS A 281 24.98 6.62 -26.39
N LEU A 282 24.39 5.70 -25.62
CA LEU A 282 23.34 6.05 -24.67
C LEU A 282 23.91 7.00 -23.63
N PHE A 283 25.11 6.71 -23.14
CA PHE A 283 25.76 7.58 -22.16
C PHE A 283 25.90 8.97 -22.77
N GLU A 284 26.28 9.02 -24.05
CA GLU A 284 26.45 10.28 -24.78
C GLU A 284 25.15 11.06 -24.83
N ILE A 285 24.06 10.36 -25.12
CA ILE A 285 22.74 10.97 -25.19
C ILE A 285 22.37 11.48 -23.80
N ALA A 286 22.59 10.63 -22.79
CA ALA A 286 22.27 10.98 -21.41
C ALA A 286 23.07 12.19 -20.91
N GLU A 287 24.36 12.23 -21.25
CA GLU A 287 25.21 13.33 -20.82
C GLU A 287 24.80 14.63 -21.51
N ARG A 288 24.41 14.53 -22.78
CA ARG A 288 23.98 15.71 -23.54
C ARG A 288 22.72 16.29 -22.91
N LEU A 289 21.76 15.42 -22.59
CA LEU A 289 20.51 15.85 -21.98
C LEU A 289 20.77 16.40 -20.58
N GLU A 290 21.71 15.78 -19.88
CA GLU A 290 22.06 16.19 -18.54
C GLU A 290 22.53 17.64 -18.50
N ARG A 291 23.33 18.03 -19.50
CA ARG A 291 23.84 19.39 -19.58
C ARG A 291 22.72 20.40 -19.79
N LEU A 292 21.71 20.03 -20.57
CA LEU A 292 20.58 20.92 -20.84
C LEU A 292 19.74 21.09 -19.57
N VAL A 293 19.58 20.00 -18.81
CA VAL A 293 18.82 20.07 -17.55
C VAL A 293 19.52 21.04 -16.61
N GLU A 294 20.84 20.88 -16.46
CA GLU A 294 21.64 21.74 -15.58
C GLU A 294 21.60 23.20 -16.03
N GLU A 295 21.66 23.39 -17.34
CA GLU A 295 21.68 24.73 -17.92
C GLU A 295 20.37 25.51 -17.75
N TYR A 296 19.25 24.85 -18.05
CA TYR A 296 17.96 25.50 -18.00
C TYR A 296 17.04 25.23 -16.81
N LEU A 297 17.16 24.07 -16.19
CA LEU A 297 16.26 23.74 -15.09
C LEU A 297 16.82 23.83 -13.68
N SER A 298 18.12 24.04 -13.55
CA SER A 298 18.76 24.12 -12.25
C SER A 298 18.26 25.23 -11.32
N LYS A 299 18.01 26.43 -11.86
CA LYS A 299 17.54 27.51 -11.00
C LYS A 299 16.18 27.16 -10.42
N LYS A 300 15.42 26.36 -11.17
CA LYS A 300 14.10 25.90 -10.76
C LYS A 300 14.20 24.87 -9.65
N GLY A 301 15.41 24.33 -9.45
CA GLY A 301 15.62 23.33 -8.41
C GLY A 301 15.51 21.91 -8.95
N ILE A 302 15.45 21.80 -10.27
CA ILE A 302 15.35 20.49 -10.95
C ILE A 302 16.73 20.03 -11.43
N SER A 303 17.26 18.99 -10.81
CA SER A 303 18.55 18.47 -11.22
C SER A 303 18.42 16.98 -11.51
N ILE A 304 19.55 16.30 -11.62
CA ILE A 304 19.56 14.87 -11.91
C ILE A 304 19.33 14.06 -10.65
N ASN A 305 18.46 13.05 -10.72
CA ASN A 305 18.21 12.21 -9.55
C ASN A 305 18.74 10.79 -9.73
N VAL A 306 18.68 10.01 -8.66
CA VAL A 306 19.16 8.63 -8.61
C VAL A 306 18.77 7.71 -9.76
N ASP A 307 17.61 7.93 -10.35
CA ASP A 307 17.14 7.04 -11.42
C ASP A 307 17.59 7.41 -12.83
N TYR A 308 18.40 8.45 -12.95
CA TYR A 308 18.87 8.90 -14.25
C TYR A 308 19.98 8.05 -14.90
N TRP A 309 21.00 7.68 -14.13
CA TRP A 309 22.14 6.90 -14.65
C TRP A 309 22.17 5.40 -14.33
N SER A 310 21.42 4.97 -13.33
CA SER A 310 21.44 3.57 -12.92
C SER A 310 21.04 2.56 -14.00
N GLY A 311 20.08 2.92 -14.83
CA GLY A 311 19.65 2.02 -15.90
C GLY A 311 20.79 1.65 -16.83
N LEU A 312 21.60 2.64 -17.23
CA LEU A 312 22.72 2.39 -18.11
C LEU A 312 23.71 1.42 -17.47
N VAL A 313 23.87 1.49 -16.16
CA VAL A 313 24.78 0.61 -15.45
C VAL A 313 24.25 -0.83 -15.48
N PHE A 314 22.96 -0.99 -15.22
CA PHE A 314 22.36 -2.33 -15.22
C PHE A 314 22.38 -2.90 -16.64
N TYR A 315 22.14 -2.04 -17.61
CA TYR A 315 22.11 -2.46 -19.01
C TYR A 315 23.50 -2.96 -19.41
N GLY A 316 24.53 -2.29 -18.92
CA GLY A 316 25.89 -2.69 -19.22
C GLY A 316 26.27 -4.00 -18.56
N MET A 317 25.46 -4.46 -17.61
CA MET A 317 25.73 -5.71 -16.92
C MET A 317 24.82 -6.81 -17.45
N LYS A 318 24.30 -6.60 -18.66
CA LYS A 318 23.42 -7.55 -19.32
C LYS A 318 22.19 -7.90 -18.50
N ILE A 319 21.53 -6.86 -17.98
CA ILE A 319 20.31 -7.03 -17.20
C ILE A 319 19.18 -6.42 -18.04
N PRO A 320 18.09 -7.17 -18.26
CA PRO A 320 16.95 -6.65 -19.05
C PRO A 320 16.28 -5.45 -18.35
N ILE A 321 15.95 -4.43 -19.12
CA ILE A 321 15.34 -3.21 -18.59
C ILE A 321 14.11 -3.46 -17.72
N GLU A 322 13.33 -4.49 -18.06
CA GLU A 322 12.12 -4.80 -17.31
C GLU A 322 12.38 -5.15 -15.84
N LEU A 323 13.64 -5.37 -15.47
CA LEU A 323 13.94 -5.72 -14.08
C LEU A 323 14.54 -4.58 -13.24
N TYR A 324 14.71 -3.41 -13.84
CA TYR A 324 15.34 -2.31 -13.11
C TYR A 324 14.58 -1.81 -11.87
N THR A 325 13.26 -1.61 -11.97
CA THR A 325 12.53 -1.15 -10.80
C THR A 325 12.53 -2.24 -9.72
N THR A 326 12.52 -3.52 -10.12
CA THR A 326 12.55 -4.60 -9.14
C THR A 326 13.91 -4.63 -8.44
N ILE A 327 14.94 -4.10 -9.09
CA ILE A 327 16.27 -4.05 -8.48
C ILE A 327 16.24 -2.93 -7.44
N PHE A 328 15.51 -1.86 -7.74
CA PHE A 328 15.36 -0.75 -6.80
C PHE A 328 14.71 -1.36 -5.54
N ALA A 329 13.67 -2.18 -5.76
CA ALA A 329 12.97 -2.85 -4.65
C ALA A 329 13.92 -3.78 -3.88
N MET A 330 14.80 -4.46 -4.60
CA MET A 330 15.76 -5.38 -3.99
C MET A 330 16.62 -4.65 -2.97
N GLY A 331 16.88 -3.37 -3.24
CA GLY A 331 17.68 -2.57 -2.33
C GLY A 331 16.83 -1.86 -1.30
N ARG A 332 15.77 -1.19 -1.76
CA ARG A 332 14.90 -0.42 -0.87
C ARG A 332 14.21 -1.22 0.23
N ILE A 333 14.09 -2.54 0.07
CA ILE A 333 13.46 -3.35 1.10
C ILE A 333 14.18 -3.14 2.44
N ALA A 334 15.47 -2.80 2.37
CA ALA A 334 16.24 -2.55 3.59
C ALA A 334 15.69 -1.32 4.30
N GLY A 335 15.55 -0.23 3.57
CA GLY A 335 15.03 1.01 4.13
C GLY A 335 13.58 0.88 4.58
N TRP A 336 12.77 0.16 3.80
CA TRP A 336 11.37 -0.04 4.16
C TRP A 336 11.28 -0.77 5.50
N THR A 337 12.10 -1.80 5.66
CA THR A 337 12.10 -2.60 6.87
C THR A 337 12.52 -1.75 8.07
N ALA A 338 13.58 -0.95 7.88
CA ALA A 338 14.08 -0.09 8.94
C ALA A 338 13.04 0.91 9.41
N HIS A 339 12.36 1.54 8.46
CA HIS A 339 11.34 2.53 8.79
C HIS A 339 10.08 1.95 9.41
N LEU A 340 9.66 0.77 8.95
CA LEU A 340 8.48 0.12 9.50
C LEU A 340 8.73 -0.20 10.98
N ALA A 341 9.92 -0.71 11.28
CA ALA A 341 10.28 -1.06 12.64
C ALA A 341 10.40 0.19 13.50
N GLU A 342 11.01 1.24 12.96
CA GLU A 342 11.19 2.48 13.71
C GLU A 342 9.87 3.17 14.02
N TYR A 343 9.00 3.28 13.03
CA TYR A 343 7.73 3.95 13.25
C TYR A 343 6.84 3.26 14.27
N VAL A 344 6.69 1.94 14.15
CA VAL A 344 5.82 1.23 15.08
C VAL A 344 6.38 1.03 16.47
N SER A 345 7.63 1.44 16.69
CA SER A 345 8.22 1.32 18.03
C SER A 345 7.51 2.31 18.96
N HIS A 346 6.99 3.39 18.37
CA HIS A 346 6.25 4.41 19.11
C HIS A 346 5.14 4.84 18.16
N ASN A 347 4.32 3.86 17.80
CA ASN A 347 3.25 4.05 16.84
C ASN A 347 2.18 5.07 17.14
N ARG A 348 1.63 5.59 16.05
CA ARG A 348 0.52 6.53 16.08
C ARG A 348 -0.05 6.45 14.67
N ILE A 349 -1.32 6.07 14.56
CA ILE A 349 -1.95 5.94 13.26
C ILE A 349 -1.77 7.22 12.46
N ILE A 350 -1.46 7.08 11.18
CA ILE A 350 -1.28 8.24 10.31
C ILE A 350 -2.64 8.52 9.68
N ARG A 351 -3.26 9.62 10.10
CA ARG A 351 -4.58 9.96 9.60
C ARG A 351 -4.77 11.47 9.58
N PRO A 352 -4.53 12.07 8.41
CA PRO A 352 -4.64 13.52 8.18
C PRO A 352 -6.08 13.93 7.83
N ARG A 353 -6.21 15.08 7.17
CA ARG A 353 -7.53 15.57 6.77
C ARG A 353 -7.50 16.17 5.36
N LEU A 354 -8.68 16.42 4.81
CA LEU A 354 -8.82 17.02 3.49
C LEU A 354 -9.76 18.20 3.71
N GLN A 355 -9.63 19.25 2.91
CA GLN A 355 -10.51 20.42 3.04
C GLN A 355 -11.66 20.26 2.05
N TYR A 356 -12.85 20.00 2.57
CA TYR A 356 -14.02 19.81 1.71
C TYR A 356 -14.49 21.11 1.10
N VAL A 357 -14.79 21.08 -0.19
CA VAL A 357 -15.31 22.24 -0.89
C VAL A 357 -16.52 21.76 -1.66
N GLY A 358 -17.66 22.36 -1.36
CA GLY A 358 -18.88 21.96 -2.01
C GLY A 358 -20.01 22.16 -1.02
N GLU A 359 -21.22 21.82 -1.45
CA GLU A 359 -22.39 21.99 -0.58
C GLU A 359 -22.56 20.84 0.39
N ILE A 360 -23.10 21.12 1.57
CA ILE A 360 -23.38 20.09 2.56
C ILE A 360 -24.81 20.30 3.02
N GLY A 361 -25.56 19.21 3.17
CA GLY A 361 -26.94 19.33 3.59
C GLY A 361 -27.89 19.23 2.40
N LYS A 362 -27.41 18.66 1.29
CA LYS A 362 -28.24 18.47 0.11
C LYS A 362 -29.29 17.43 0.49
N LYS A 363 -30.53 17.65 0.08
CA LYS A 363 -31.62 16.73 0.43
C LYS A 363 -31.84 15.64 -0.59
N TYR A 364 -31.96 14.40 -0.10
CA TYR A 364 -32.18 13.27 -1.00
C TYR A 364 -33.49 13.43 -1.74
N LEU A 365 -33.43 13.18 -3.05
CA LEU A 365 -34.59 13.29 -3.90
C LEU A 365 -34.82 11.95 -4.60
N PRO A 366 -36.03 11.38 -4.43
CA PRO A 366 -36.34 10.09 -5.07
C PRO A 366 -35.95 10.07 -6.54
N ILE A 367 -35.44 8.93 -7.01
CA ILE A 367 -34.99 8.83 -8.39
C ILE A 367 -36.04 9.19 -9.46
N GLU A 368 -37.31 8.92 -9.19
CA GLU A 368 -38.33 9.24 -10.18
C GLU A 368 -38.58 10.74 -10.35
N LEU A 369 -38.13 11.54 -9.40
CA LEU A 369 -38.32 12.98 -9.50
C LEU A 369 -37.07 13.66 -10.02
N ARG A 370 -36.08 12.86 -10.36
CA ARG A 370 -34.82 13.35 -10.91
C ARG A 370 -34.94 13.41 -12.42
N ARG A 371 -34.25 14.36 -13.04
CA ARG A 371 -34.29 14.52 -14.48
C ARG A 371 -33.28 13.58 -15.16
N LEU B 1 6.39 19.71 12.51
CA LEU B 1 6.40 18.30 13.00
C LEU B 1 5.04 17.88 13.54
N ALA B 2 4.39 16.96 12.85
CA ALA B 2 3.06 16.48 13.26
C ALA B 2 2.97 14.96 13.30
N LYS B 3 3.35 14.37 14.42
CA LYS B 3 3.31 12.93 14.57
C LYS B 3 1.86 12.46 14.50
N GLY B 4 1.54 11.70 13.46
CA GLY B 4 0.20 11.21 13.26
C GLY B 4 -0.51 12.01 12.19
N LEU B 5 0.08 13.15 11.82
CA LEU B 5 -0.49 14.06 10.82
C LEU B 5 -1.86 14.56 11.28
N GLU B 6 -2.04 14.65 12.60
CA GLU B 6 -3.30 15.10 13.13
C GLU B 6 -3.60 16.51 12.65
N ASP B 7 -4.80 16.68 12.08
CA ASP B 7 -5.24 17.98 11.58
C ASP B 7 -4.40 18.57 10.45
N VAL B 8 -3.64 17.74 9.75
CA VAL B 8 -2.85 18.24 8.64
C VAL B 8 -3.73 18.11 7.40
N TYR B 9 -4.11 19.24 6.81
CA TYR B 9 -4.95 19.24 5.61
C TYR B 9 -4.06 19.20 4.37
N ILE B 10 -4.03 18.03 3.73
CA ILE B 10 -3.21 17.81 2.55
C ILE B 10 -3.74 18.40 1.26
N ASP B 11 -5.03 18.23 1.01
CA ASP B 11 -5.60 18.71 -0.23
C ASP B 11 -7.08 19.04 -0.04
N GLN B 12 -7.71 19.47 -1.12
CA GLN B 12 -9.12 19.79 -1.08
C GLN B 12 -9.87 18.58 -1.64
N THR B 13 -11.15 18.48 -1.30
CA THR B 13 -11.95 17.37 -1.78
C THR B 13 -13.41 17.78 -1.84
N ASN B 14 -14.18 17.07 -2.66
CA ASN B 14 -15.60 17.32 -2.77
C ASN B 14 -16.32 15.99 -2.61
N ILE B 15 -15.56 14.96 -2.23
CA ILE B 15 -16.12 13.62 -2.05
C ILE B 15 -16.87 13.38 -0.74
N CYS B 16 -16.26 13.76 0.37
CA CYS B 16 -16.88 13.55 1.68
C CYS B 16 -16.46 14.61 2.69
N TYR B 17 -17.40 14.99 3.56
CA TYR B 17 -17.12 15.97 4.60
C TYR B 17 -17.43 15.39 5.97
N ILE B 18 -16.50 15.55 6.91
CA ILE B 18 -16.71 15.05 8.26
C ILE B 18 -16.69 16.19 9.28
N ASP B 19 -17.66 16.20 10.18
CA ASP B 19 -17.72 17.19 11.23
C ASP B 19 -17.41 16.39 12.50
N GLY B 20 -16.13 16.33 12.85
CA GLY B 20 -15.71 15.57 14.01
C GLY B 20 -16.28 16.01 15.35
N LYS B 21 -16.48 17.32 15.50
CA LYS B 21 -17.01 17.86 16.73
C LYS B 21 -18.50 17.61 16.85
N GLU B 22 -19.24 17.81 15.76
CA GLU B 22 -20.68 17.61 15.78
C GLU B 22 -21.11 16.20 15.41
N GLY B 23 -20.15 15.35 15.04
CA GLY B 23 -20.47 13.98 14.67
C GLY B 23 -21.36 13.88 13.46
N LYS B 24 -21.04 14.62 12.41
CA LYS B 24 -21.84 14.60 11.19
C LYS B 24 -21.01 14.11 10.01
N LEU B 25 -21.67 13.44 9.06
CA LEU B 25 -20.99 12.89 7.89
C LEU B 25 -21.81 13.09 6.63
N TYR B 26 -21.14 13.54 5.56
CA TYR B 26 -21.79 13.78 4.28
C TYR B 26 -21.01 13.16 3.14
N TYR B 27 -21.72 12.52 2.22
CA TYR B 27 -21.12 11.94 1.03
C TYR B 27 -21.59 12.86 -0.07
N ARG B 28 -20.67 13.61 -0.67
CA ARG B 28 -21.04 14.53 -1.74
C ARG B 28 -22.18 15.48 -1.35
N GLY B 29 -22.17 15.95 -0.10
CA GLY B 29 -23.21 16.86 0.35
C GLY B 29 -24.42 16.25 0.99
N TYR B 30 -24.61 14.93 0.84
CA TYR B 30 -25.75 14.23 1.42
C TYR B 30 -25.39 13.55 2.74
N SER B 31 -26.24 13.70 3.75
CA SER B 31 -25.97 13.09 5.04
C SER B 31 -25.98 11.57 4.90
N VAL B 32 -25.11 10.90 5.65
CA VAL B 32 -25.02 9.45 5.59
C VAL B 32 -26.32 8.87 6.14
N GLU B 33 -26.98 9.63 7.01
CA GLU B 33 -28.24 9.21 7.60
C GLU B 33 -29.29 9.05 6.52
N GLU B 34 -29.39 10.05 5.64
CA GLU B 34 -30.36 10.00 4.57
C GLU B 34 -30.05 8.89 3.59
N LEU B 35 -28.78 8.75 3.22
CA LEU B 35 -28.37 7.73 2.26
C LEU B 35 -28.61 6.31 2.80
N ALA B 36 -28.30 6.11 4.08
CA ALA B 36 -28.51 4.80 4.69
C ALA B 36 -30.00 4.45 4.70
N GLU B 37 -30.83 5.48 4.81
CA GLU B 37 -32.28 5.31 4.87
C GLU B 37 -32.99 5.16 3.53
N LEU B 38 -32.58 5.95 2.53
CA LEU B 38 -33.26 5.94 1.24
C LEU B 38 -32.48 5.44 0.02
N SER B 39 -31.17 5.28 0.17
CA SER B 39 -30.35 4.87 -0.97
C SER B 39 -29.98 3.39 -0.98
N THR B 40 -29.05 3.05 -1.87
CA THR B 40 -28.53 1.70 -2.03
C THR B 40 -27.04 1.83 -2.26
N PHE B 41 -26.28 0.75 -2.06
CA PHE B 41 -24.84 0.81 -2.27
C PHE B 41 -24.52 1.25 -3.70
N GLU B 42 -25.15 0.62 -4.69
CA GLU B 42 -24.92 0.97 -6.08
C GLU B 42 -25.17 2.44 -6.34
N GLU B 43 -26.25 2.98 -5.77
CA GLU B 43 -26.55 4.39 -5.98
C GLU B 43 -25.54 5.26 -5.27
N VAL B 44 -25.14 4.85 -4.07
CA VAL B 44 -24.16 5.62 -3.32
C VAL B 44 -22.80 5.61 -4.05
N VAL B 45 -22.44 4.48 -4.67
CA VAL B 45 -21.18 4.42 -5.40
C VAL B 45 -21.23 5.39 -6.58
N TYR B 46 -22.35 5.39 -7.30
CA TYR B 46 -22.50 6.30 -8.43
C TYR B 46 -22.34 7.75 -7.96
N LEU B 47 -22.99 8.07 -6.84
CA LEU B 47 -22.91 9.41 -6.28
C LEU B 47 -21.46 9.76 -5.95
N LEU B 48 -20.78 8.87 -5.24
CA LEU B 48 -19.40 9.06 -4.82
C LEU B 48 -18.44 9.30 -5.99
N TRP B 49 -18.58 8.49 -7.04
CA TRP B 49 -17.71 8.60 -8.18
C TRP B 49 -18.01 9.76 -9.11
N TRP B 50 -19.27 9.92 -9.50
CA TRP B 50 -19.63 11.00 -10.40
C TRP B 50 -20.20 12.27 -9.77
N GLY B 51 -20.27 12.28 -8.45
CA GLY B 51 -20.72 13.47 -7.73
C GLY B 51 -22.18 13.87 -7.66
N LYS B 52 -23.07 13.10 -8.28
CA LYS B 52 -24.49 13.45 -8.26
C LYS B 52 -25.35 12.19 -8.21
N LEU B 53 -26.58 12.34 -7.71
CA LEU B 53 -27.49 11.20 -7.65
C LEU B 53 -27.82 10.87 -9.10
N PRO B 54 -27.81 9.58 -9.46
CA PRO B 54 -28.12 9.20 -10.84
C PRO B 54 -29.58 9.28 -11.24
N SER B 55 -29.80 9.32 -12.55
CA SER B 55 -31.14 9.36 -13.11
C SER B 55 -31.56 7.90 -13.20
N LEU B 56 -32.81 7.66 -13.56
CA LEU B 56 -33.30 6.30 -13.68
C LEU B 56 -32.38 5.54 -14.60
N SER B 57 -32.12 6.13 -15.78
CA SER B 57 -31.28 5.51 -16.79
C SER B 57 -29.82 5.34 -16.35
N GLU B 58 -29.25 6.36 -15.72
CA GLU B 58 -27.87 6.29 -15.26
C GLU B 58 -27.66 5.17 -14.26
N LEU B 59 -28.58 5.05 -13.29
CA LEU B 59 -28.46 4.00 -12.29
C LEU B 59 -28.60 2.61 -12.90
N GLU B 60 -29.60 2.44 -13.76
CA GLU B 60 -29.82 1.14 -14.38
C GLU B 60 -28.61 0.69 -15.19
N ASN B 61 -28.03 1.60 -15.97
CA ASN B 61 -26.88 1.24 -16.77
C ASN B 61 -25.71 0.88 -15.84
N PHE B 62 -25.50 1.67 -14.81
CA PHE B 62 -24.41 1.41 -13.88
C PHE B 62 -24.57 0.05 -13.20
N LYS B 63 -25.78 -0.24 -12.74
CA LYS B 63 -26.05 -1.51 -12.08
C LYS B 63 -25.80 -2.66 -13.06
N LYS B 64 -26.02 -2.40 -14.34
CA LYS B 64 -25.81 -3.41 -15.36
C LYS B 64 -24.32 -3.69 -15.50
N GLU B 65 -23.51 -2.63 -15.58
CA GLU B 65 -22.07 -2.75 -15.72
C GLU B 65 -21.47 -3.52 -14.54
N LEU B 66 -21.94 -3.21 -13.34
CA LEU B 66 -21.45 -3.86 -12.14
C LEU B 66 -21.81 -5.35 -12.12
N ALA B 67 -23.08 -5.64 -12.35
CA ALA B 67 -23.55 -7.02 -12.34
C ALA B 67 -22.82 -7.89 -13.35
N LYS B 68 -22.50 -7.35 -14.52
CA LYS B 68 -21.82 -8.10 -15.55
C LYS B 68 -20.34 -8.33 -15.23
N SER B 69 -19.83 -7.65 -14.21
CA SER B 69 -18.42 -7.76 -13.82
C SER B 69 -18.18 -8.53 -12.53
N ARG B 70 -19.21 -9.15 -11.99
CA ARG B 70 -19.09 -9.89 -10.73
C ARG B 70 -18.37 -11.23 -10.82
N GLY B 71 -18.41 -11.84 -11.99
CA GLY B 71 -17.79 -13.15 -12.17
C GLY B 71 -16.28 -13.18 -12.13
N LEU B 72 -15.72 -14.33 -11.79
CA LEU B 72 -14.27 -14.50 -11.71
C LEU B 72 -13.77 -15.49 -12.76
N PRO B 73 -12.66 -15.17 -13.43
CA PRO B 73 -12.10 -16.07 -14.45
C PRO B 73 -11.65 -17.37 -13.79
N LYS B 74 -11.73 -18.46 -14.56
CA LYS B 74 -11.32 -19.77 -14.06
C LYS B 74 -9.93 -19.74 -13.43
N GLU B 75 -9.01 -19.00 -14.02
CA GLU B 75 -7.64 -18.92 -13.52
C GLU B 75 -7.58 -18.30 -12.12
N VAL B 76 -8.51 -17.40 -11.83
CA VAL B 76 -8.54 -16.76 -10.51
C VAL B 76 -9.02 -17.75 -9.45
N ILE B 77 -10.08 -18.49 -9.78
CA ILE B 77 -10.62 -19.48 -8.86
C ILE B 77 -9.54 -20.52 -8.56
N GLU B 78 -8.73 -20.82 -9.58
CA GLU B 78 -7.66 -21.79 -9.44
C GLU B 78 -6.64 -21.28 -8.43
N ILE B 79 -6.34 -19.99 -8.50
CA ILE B 79 -5.39 -19.41 -7.55
C ILE B 79 -5.98 -19.48 -6.14
N MET B 80 -7.29 -19.24 -6.05
CA MET B 80 -7.97 -19.27 -4.74
C MET B 80 -7.85 -20.66 -4.15
N GLU B 81 -8.02 -21.67 -4.99
CA GLU B 81 -7.94 -23.06 -4.54
C GLU B 81 -6.51 -23.44 -4.16
N ALA B 82 -5.53 -22.66 -4.61
CA ALA B 82 -4.12 -22.94 -4.32
C ALA B 82 -3.61 -22.30 -3.04
N LEU B 83 -4.34 -21.32 -2.52
CA LEU B 83 -3.91 -20.64 -1.29
C LEU B 83 -4.10 -21.54 -0.06
N PRO B 84 -3.24 -21.35 0.96
CA PRO B 84 -3.36 -22.15 2.19
C PRO B 84 -4.74 -21.89 2.81
N LYS B 85 -5.45 -22.95 3.18
CA LYS B 85 -6.79 -22.81 3.76
C LYS B 85 -6.81 -22.00 5.04
N ASN B 86 -5.67 -21.92 5.72
CA ASN B 86 -5.59 -21.17 6.96
C ASN B 86 -5.30 -19.69 6.73
N THR B 87 -5.33 -19.26 5.47
CA THR B 87 -5.08 -17.87 5.16
C THR B 87 -6.27 -17.02 5.59
N HIS B 88 -6.01 -15.95 6.33
CA HIS B 88 -7.07 -15.06 6.77
C HIS B 88 -7.64 -14.34 5.55
N PRO B 89 -8.97 -14.17 5.51
CA PRO B 89 -9.66 -13.51 4.40
C PRO B 89 -9.05 -12.24 3.83
N MET B 90 -8.61 -11.31 4.67
CA MET B 90 -8.00 -10.09 4.14
C MET B 90 -6.69 -10.39 3.41
N GLY B 91 -5.90 -11.33 3.95
CA GLY B 91 -4.65 -11.72 3.33
C GLY B 91 -4.94 -12.43 2.01
N ALA B 92 -5.98 -13.25 1.99
CA ALA B 92 -6.36 -13.97 0.77
C ALA B 92 -6.87 -12.99 -0.28
N LEU B 93 -7.70 -12.03 0.13
CA LEU B 93 -8.26 -11.03 -0.77
C LEU B 93 -7.12 -10.23 -1.41
N ARG B 94 -6.13 -9.90 -0.59
CA ARG B 94 -4.97 -9.13 -1.02
C ARG B 94 -4.25 -9.84 -2.18
N THR B 95 -3.96 -11.12 -2.00
CA THR B 95 -3.28 -11.90 -3.03
C THR B 95 -4.13 -12.04 -4.29
N ILE B 96 -5.43 -12.27 -4.11
CA ILE B 96 -6.31 -12.42 -5.26
C ILE B 96 -6.45 -11.13 -6.05
N ILE B 97 -6.58 -10.00 -5.36
CA ILE B 97 -6.69 -8.74 -6.08
C ILE B 97 -5.41 -8.47 -6.86
N SER B 98 -4.27 -8.81 -6.24
CA SER B 98 -2.98 -8.63 -6.90
C SER B 98 -2.93 -9.45 -8.18
N TYR B 99 -3.43 -10.68 -8.10
CA TYR B 99 -3.45 -11.57 -9.25
C TYR B 99 -4.40 -11.03 -10.33
N LEU B 100 -5.56 -10.53 -9.92
CA LEU B 100 -6.52 -9.98 -10.87
C LEU B 100 -5.81 -8.87 -11.65
N GLY B 101 -4.97 -8.13 -10.94
CA GLY B 101 -4.23 -7.06 -11.57
C GLY B 101 -3.29 -7.64 -12.61
N ASN B 102 -2.64 -8.74 -12.25
CA ASN B 102 -1.70 -9.40 -13.14
C ASN B 102 -2.34 -9.85 -14.46
N ILE B 103 -3.57 -10.37 -14.39
CA ILE B 103 -4.25 -10.84 -15.58
C ILE B 103 -4.98 -9.74 -16.35
N ASP B 104 -5.05 -8.55 -15.76
CA ASP B 104 -5.71 -7.41 -16.39
C ASP B 104 -4.76 -6.71 -17.37
N ASP B 105 -5.25 -6.48 -18.59
CA ASP B 105 -4.44 -5.82 -19.62
C ASP B 105 -4.11 -4.37 -19.27
N SER B 106 -4.79 -3.84 -18.26
CA SER B 106 -4.58 -2.47 -17.79
C SER B 106 -3.99 -2.50 -16.38
N GLY B 107 -3.48 -3.66 -15.99
CA GLY B 107 -2.92 -3.82 -14.65
C GLY B 107 -1.64 -3.05 -14.35
N ASP B 108 -1.00 -2.50 -15.37
CA ASP B 108 0.23 -1.75 -15.17
C ASP B 108 0.08 -0.30 -15.61
N ILE B 109 -1.05 0.02 -16.20
CA ILE B 109 -1.34 1.37 -16.69
C ILE B 109 -1.39 2.43 -15.59
N PRO B 110 -0.71 3.58 -15.80
CA PRO B 110 -0.73 4.65 -14.79
C PRO B 110 -2.15 5.17 -14.58
N VAL B 111 -2.56 5.30 -13.33
CA VAL B 111 -3.90 5.75 -13.02
C VAL B 111 -4.26 7.11 -13.61
N THR B 112 -5.50 7.20 -14.10
CA THR B 112 -6.08 8.42 -14.64
C THR B 112 -7.53 8.35 -14.16
N PRO B 113 -8.20 9.49 -13.99
CA PRO B 113 -9.60 9.51 -13.52
C PRO B 113 -10.56 8.55 -14.23
N GLU B 114 -10.57 8.61 -15.55
CA GLU B 114 -11.45 7.76 -16.34
C GLU B 114 -11.14 6.28 -16.21
N GLU B 115 -9.85 5.95 -16.25
CA GLU B 115 -9.41 4.56 -16.16
C GLU B 115 -9.67 3.98 -14.76
N VAL B 116 -9.55 4.84 -13.75
CA VAL B 116 -9.76 4.43 -12.37
C VAL B 116 -11.20 3.96 -12.17
N TYR B 117 -12.17 4.68 -12.71
CA TYR B 117 -13.57 4.28 -12.56
C TYR B 117 -13.83 3.01 -13.35
N ARG B 118 -13.22 2.91 -14.52
CA ARG B 118 -13.39 1.74 -15.38
C ARG B 118 -12.93 0.47 -14.66
N ILE B 119 -11.72 0.50 -14.11
CA ILE B 119 -11.20 -0.63 -13.38
C ILE B 119 -11.95 -0.77 -12.05
N GLY B 120 -12.34 0.37 -11.48
CA GLY B 120 -13.06 0.36 -10.23
C GLY B 120 -14.33 -0.45 -10.33
N ILE B 121 -15.03 -0.35 -11.46
CA ILE B 121 -16.27 -1.10 -11.63
C ILE B 121 -15.99 -2.60 -11.56
N SER B 122 -14.88 -3.01 -12.19
CA SER B 122 -14.50 -4.41 -12.21
C SER B 122 -14.12 -4.96 -10.84
N VAL B 123 -13.22 -4.27 -10.14
CA VAL B 123 -12.79 -4.75 -8.84
C VAL B 123 -13.89 -4.61 -7.78
N THR B 124 -14.67 -3.53 -7.86
CA THR B 124 -15.74 -3.33 -6.89
C THR B 124 -16.76 -4.46 -6.99
N ALA B 125 -17.10 -4.85 -8.21
CA ALA B 125 -18.06 -5.92 -8.43
C ALA B 125 -17.55 -7.30 -8.04
N LYS B 126 -16.24 -7.51 -8.12
CA LYS B 126 -15.67 -8.82 -7.82
C LYS B 126 -15.34 -9.12 -6.36
N ILE B 127 -15.15 -8.09 -5.54
CA ILE B 127 -14.79 -8.34 -4.15
C ILE B 127 -15.73 -9.30 -3.40
N PRO B 128 -17.06 -9.08 -3.48
CA PRO B 128 -17.94 -10.02 -2.75
C PRO B 128 -17.83 -11.45 -3.30
N THR B 129 -17.60 -11.58 -4.60
CA THR B 129 -17.47 -12.90 -5.23
C THR B 129 -16.22 -13.59 -4.68
N ILE B 130 -15.15 -12.83 -4.53
CA ILE B 130 -13.91 -13.38 -3.99
C ILE B 130 -14.08 -13.74 -2.52
N VAL B 131 -14.62 -12.81 -1.74
CA VAL B 131 -14.81 -13.00 -0.31
C VAL B 131 -15.71 -14.18 0.02
N ALA B 132 -16.91 -14.19 -0.57
CA ALA B 132 -17.86 -15.26 -0.30
C ALA B 132 -17.29 -16.62 -0.68
N ASN B 133 -16.78 -16.72 -1.90
CA ASN B 133 -16.24 -17.98 -2.39
C ASN B 133 -14.92 -18.43 -1.79
N TRP B 134 -14.22 -17.51 -1.14
CA TRP B 134 -12.97 -17.87 -0.48
C TRP B 134 -13.43 -18.69 0.72
N TYR B 135 -14.46 -18.20 1.41
CA TYR B 135 -15.02 -18.90 2.56
C TYR B 135 -15.52 -20.28 2.17
N ARG B 136 -16.23 -20.36 1.05
CA ARG B 136 -16.76 -21.65 0.61
C ARG B 136 -15.63 -22.60 0.24
N ILE B 137 -14.75 -22.17 -0.66
CA ILE B 137 -13.63 -22.98 -1.13
C ILE B 137 -12.76 -23.51 0.02
N LYS B 138 -12.37 -22.61 0.91
CA LYS B 138 -11.52 -22.99 2.04
C LYS B 138 -12.19 -23.98 3.01
N ASN B 139 -13.50 -24.20 2.85
CA ASN B 139 -14.21 -25.12 3.73
C ASN B 139 -14.81 -26.33 3.02
N GLY B 140 -14.40 -26.52 1.77
CA GLY B 140 -14.89 -27.68 1.02
C GLY B 140 -16.20 -27.49 0.30
N LEU B 141 -16.76 -26.28 0.35
CA LEU B 141 -18.03 -26.02 -0.32
C LEU B 141 -17.83 -25.68 -1.78
N GLU B 142 -18.85 -25.91 -2.60
CA GLU B 142 -18.78 -25.62 -4.03
C GLU B 142 -18.77 -24.12 -4.27
N TYR B 143 -18.15 -23.71 -5.36
CA TYR B 143 -18.09 -22.31 -5.73
C TYR B 143 -19.49 -21.90 -6.17
N VAL B 144 -19.96 -20.73 -5.73
CA VAL B 144 -21.27 -20.27 -6.13
C VAL B 144 -21.12 -19.00 -6.95
N PRO B 145 -21.36 -19.09 -8.26
CA PRO B 145 -21.24 -17.94 -9.16
C PRO B 145 -22.26 -16.85 -8.83
N PRO B 146 -21.94 -15.60 -9.18
CA PRO B 146 -22.87 -14.49 -8.90
C PRO B 146 -24.16 -14.57 -9.68
N LYS B 147 -25.21 -13.99 -9.11
CA LYS B 147 -26.53 -13.96 -9.75
C LYS B 147 -26.77 -12.51 -10.16
N GLU B 148 -26.80 -12.28 -11.46
CA GLU B 148 -26.99 -10.93 -12.00
C GLU B 148 -28.21 -10.16 -11.51
N LYS B 149 -29.35 -10.84 -11.40
CA LYS B 149 -30.57 -10.17 -10.98
C LYS B 149 -30.54 -9.65 -9.54
N LEU B 150 -29.64 -10.18 -8.72
CA LEU B 150 -29.56 -9.74 -7.33
C LEU B 150 -28.76 -8.46 -7.13
N SER B 151 -29.08 -7.73 -6.06
CA SER B 151 -28.37 -6.50 -5.76
C SER B 151 -26.98 -6.88 -5.25
N HIS B 152 -26.05 -5.93 -5.24
CA HIS B 152 -24.71 -6.20 -4.76
C HIS B 152 -24.76 -6.84 -3.38
N ALA B 153 -25.56 -6.25 -2.48
CA ALA B 153 -25.71 -6.73 -1.12
C ALA B 153 -26.36 -8.11 -1.00
N ALA B 154 -27.45 -8.34 -1.74
CA ALA B 154 -28.13 -9.62 -1.69
C ALA B 154 -27.28 -10.71 -2.32
N ASN B 155 -26.59 -10.37 -3.40
CA ASN B 155 -25.75 -11.34 -4.09
C ASN B 155 -24.64 -11.83 -3.18
N PHE B 156 -24.09 -10.96 -2.35
CA PHE B 156 -23.02 -11.39 -1.46
C PHE B 156 -23.55 -12.46 -0.53
N LEU B 157 -24.70 -12.19 0.07
CA LEU B 157 -25.31 -13.12 1.02
C LEU B 157 -25.72 -14.40 0.31
N TYR B 158 -26.19 -14.28 -0.93
CA TYR B 158 -26.60 -15.44 -1.70
C TYR B 158 -25.41 -16.36 -2.00
N MET B 159 -24.29 -15.78 -2.44
CA MET B 159 -23.11 -16.58 -2.74
C MET B 159 -22.56 -17.23 -1.48
N LEU B 160 -22.47 -16.45 -0.41
CA LEU B 160 -21.95 -16.96 0.86
C LEU B 160 -22.81 -18.08 1.44
N HIS B 161 -24.11 -17.88 1.42
CA HIS B 161 -25.06 -18.84 1.98
C HIS B 161 -25.59 -19.90 1.01
N GLY B 162 -25.46 -19.65 -0.29
CA GLY B 162 -25.98 -20.58 -1.26
C GLY B 162 -27.50 -20.45 -1.21
N GLU B 163 -27.96 -19.32 -0.65
CA GLU B 163 -29.38 -19.06 -0.51
C GLU B 163 -29.66 -17.55 -0.58
N GLU B 164 -30.61 -17.14 -1.41
CA GLU B 164 -30.97 -15.73 -1.53
C GLU B 164 -31.47 -15.29 -0.14
N PRO B 165 -30.99 -14.12 0.34
CA PRO B 165 -31.38 -13.60 1.65
C PRO B 165 -32.75 -12.96 1.77
N PRO B 166 -33.31 -12.93 3.00
CA PRO B 166 -34.63 -12.31 3.18
C PRO B 166 -34.47 -10.80 2.99
N LYS B 167 -35.55 -10.13 2.62
CA LYS B 167 -35.52 -8.69 2.38
C LYS B 167 -34.80 -7.89 3.48
N GLU B 168 -35.05 -8.24 4.74
CA GLU B 168 -34.45 -7.53 5.86
C GLU B 168 -32.93 -7.64 5.89
N TRP B 169 -32.42 -8.79 5.44
CA TRP B 169 -30.98 -8.99 5.40
C TRP B 169 -30.34 -8.18 4.27
N GLU B 170 -30.96 -8.22 3.10
CA GLU B 170 -30.45 -7.46 1.98
C GLU B 170 -30.34 -5.99 2.41
N LYS B 171 -31.35 -5.51 3.12
CA LYS B 171 -31.37 -4.13 3.59
C LYS B 171 -30.23 -3.83 4.55
N ALA B 172 -30.09 -4.65 5.58
CA ALA B 172 -29.03 -4.46 6.57
C ALA B 172 -27.64 -4.53 5.92
N MET B 173 -27.44 -5.49 5.03
CA MET B 173 -26.17 -5.65 4.33
C MET B 173 -25.91 -4.43 3.44
N ASP B 174 -26.95 -4.02 2.73
CA ASP B 174 -26.87 -2.86 1.84
C ASP B 174 -26.49 -1.62 2.65
N VAL B 175 -27.14 -1.44 3.80
CA VAL B 175 -26.85 -0.29 4.65
C VAL B 175 -25.42 -0.36 5.18
N ALA B 176 -24.97 -1.56 5.52
CA ALA B 176 -23.61 -1.74 6.04
C ALA B 176 -22.60 -1.26 5.01
N LEU B 177 -22.80 -1.63 3.76
CA LEU B 177 -21.91 -1.23 2.68
C LEU B 177 -21.91 0.28 2.49
N ILE B 178 -23.10 0.89 2.59
CA ILE B 178 -23.21 2.33 2.45
C ILE B 178 -22.44 3.03 3.57
N LEU B 179 -22.60 2.53 4.80
CA LEU B 179 -21.94 3.12 5.96
C LEU B 179 -20.42 2.99 5.93
N TYR B 180 -19.94 1.98 5.22
CA TYR B 180 -18.50 1.72 5.11
C TYR B 180 -17.91 2.28 3.82
N ALA B 181 -18.77 2.76 2.93
CA ALA B 181 -18.34 3.25 1.63
C ALA B 181 -17.26 4.32 1.56
N GLU B 182 -17.35 5.33 2.41
CA GLU B 182 -16.39 6.42 2.34
C GLU B 182 -16.18 7.16 3.66
N HIS B 183 -14.95 7.62 3.90
CA HIS B 183 -14.65 8.39 5.11
C HIS B 183 -13.45 9.31 5.03
N GLU B 184 -13.42 10.14 3.99
CA GLU B 184 -12.36 11.10 3.80
C GLU B 184 -10.98 10.45 3.77
N ILE B 185 -9.97 11.11 4.34
CA ILE B 185 -8.63 10.55 4.29
C ILE B 185 -8.15 9.80 5.53
N ASN B 186 -8.76 8.64 5.77
CA ASN B 186 -8.39 7.78 6.86
C ASN B 186 -7.09 7.09 6.44
N ALA B 187 -6.50 6.32 7.33
CA ALA B 187 -5.25 5.64 7.03
C ALA B 187 -5.24 4.83 5.71
N SER B 188 -6.25 4.00 5.49
CA SER B 188 -6.26 3.19 4.27
C SER B 188 -6.45 4.02 3.01
N THR B 189 -7.25 5.08 3.08
CA THR B 189 -7.45 5.92 1.93
C THR B 189 -6.16 6.72 1.65
N LEU B 190 -5.44 7.10 2.70
CA LEU B 190 -4.19 7.84 2.51
C LEU B 190 -3.18 6.92 1.80
N ALA B 191 -3.17 5.65 2.20
CA ALA B 191 -2.25 4.68 1.60
C ALA B 191 -2.57 4.54 0.11
N VAL B 192 -3.85 4.45 -0.20
CA VAL B 192 -4.31 4.34 -1.59
C VAL B 192 -3.88 5.57 -2.40
N MET B 193 -4.11 6.76 -1.85
CA MET B 193 -3.76 7.98 -2.54
C MET B 193 -2.24 8.15 -2.69
N THR B 194 -1.48 7.65 -1.72
CA THR B 194 -0.02 7.77 -1.77
C THR B 194 0.52 6.94 -2.93
N VAL B 195 0.02 5.72 -3.09
CA VAL B 195 0.47 4.88 -4.18
C VAL B 195 0.00 5.51 -5.49
N GLY B 196 -1.23 6.03 -5.48
CA GLY B 196 -1.77 6.67 -6.67
C GLY B 196 -0.98 7.90 -7.08
N SER B 197 -0.42 8.59 -6.09
CA SER B 197 0.35 9.80 -6.34
C SER B 197 1.65 9.58 -7.11
N THR B 198 2.09 8.34 -7.26
CA THR B 198 3.32 8.06 -8.03
C THR B 198 2.91 7.64 -9.43
N LEU B 199 1.60 7.67 -9.67
CA LEU B 199 1.03 7.29 -10.96
C LEU B 199 1.14 5.80 -11.22
N SER B 200 1.16 5.03 -10.14
CA SER B 200 1.23 3.57 -10.24
C SER B 200 -0.15 3.11 -10.73
N ASP B 201 -0.33 1.80 -10.81
CA ASP B 201 -1.60 1.25 -11.29
C ASP B 201 -2.68 1.14 -10.21
N TYR B 202 -3.92 0.95 -10.66
CA TYR B 202 -5.07 0.83 -9.78
C TYR B 202 -4.94 -0.28 -8.74
N TYR B 203 -4.55 -1.47 -9.18
CA TYR B 203 -4.41 -2.60 -8.27
C TYR B 203 -3.41 -2.36 -7.16
N SER B 204 -2.26 -1.80 -7.51
CA SER B 204 -1.24 -1.49 -6.52
C SER B 204 -1.81 -0.52 -5.46
N ALA B 205 -2.58 0.47 -5.91
CA ALA B 205 -3.17 1.45 -4.98
C ALA B 205 -4.17 0.78 -4.03
N ILE B 206 -5.11 0.03 -4.60
CA ILE B 206 -6.12 -0.66 -3.80
C ILE B 206 -5.49 -1.62 -2.80
N LEU B 207 -4.44 -2.31 -3.22
CA LEU B 207 -3.78 -3.25 -2.33
C LEU B 207 -3.18 -2.55 -1.13
N ALA B 208 -2.75 -1.31 -1.30
CA ALA B 208 -2.20 -0.55 -0.19
C ALA B 208 -3.36 -0.26 0.77
N GLY B 209 -4.54 -0.01 0.20
CA GLY B 209 -5.72 0.24 1.02
C GLY B 209 -6.09 -1.00 1.82
N ILE B 210 -6.07 -2.16 1.17
CA ILE B 210 -6.41 -3.42 1.82
C ILE B 210 -5.44 -3.71 2.96
N GLY B 211 -4.16 -3.53 2.71
CA GLY B 211 -3.17 -3.78 3.74
C GLY B 211 -3.35 -2.91 4.96
N ALA B 212 -3.70 -1.64 4.75
CA ALA B 212 -3.91 -0.72 5.87
C ALA B 212 -5.22 -1.00 6.61
N LEU B 213 -6.31 -1.21 5.86
CA LEU B 213 -7.62 -1.47 6.46
C LEU B 213 -7.55 -2.67 7.38
N LYS B 214 -6.70 -3.62 7.01
CA LYS B 214 -6.47 -4.86 7.72
C LYS B 214 -6.06 -4.66 9.19
N GLY B 215 -5.33 -3.59 9.47
CA GLY B 215 -4.86 -3.32 10.83
C GLY B 215 -5.92 -3.38 11.91
N PRO B 216 -5.61 -3.98 13.08
CA PRO B 216 -6.55 -4.12 14.21
C PRO B 216 -7.04 -2.78 14.79
N ILE B 217 -6.29 -1.70 14.59
CA ILE B 217 -6.73 -0.42 15.09
C ILE B 217 -7.34 0.41 13.97
N HIS B 218 -7.54 -0.23 12.83
CA HIS B 218 -8.21 0.43 11.71
C HIS B 218 -9.40 -0.47 11.43
N GLY B 219 -9.64 -0.81 10.16
CA GLY B 219 -10.79 -1.65 9.83
C GLY B 219 -10.88 -2.99 10.53
N GLY B 220 -9.74 -3.53 10.94
CA GLY B 220 -9.72 -4.82 11.62
C GLY B 220 -10.42 -4.83 12.97
N ALA B 221 -10.64 -3.65 13.53
CA ALA B 221 -11.31 -3.52 14.81
C ALA B 221 -12.74 -4.05 14.77
N VAL B 222 -13.34 -4.13 13.57
CA VAL B 222 -14.70 -4.66 13.46
C VAL B 222 -14.74 -6.12 13.93
N GLU B 223 -13.64 -6.83 13.72
CA GLU B 223 -13.60 -8.22 14.16
C GLU B 223 -13.18 -8.25 15.62
N GLU B 224 -12.26 -7.36 15.98
CA GLU B 224 -11.76 -7.27 17.34
C GLU B 224 -12.87 -6.86 18.32
N ALA B 225 -13.77 -6.00 17.86
CA ALA B 225 -14.85 -5.52 18.70
C ALA B 225 -15.81 -6.64 19.10
N ILE B 226 -16.31 -7.39 18.13
CA ILE B 226 -17.24 -8.46 18.47
C ILE B 226 -16.58 -9.55 19.32
N LYS B 227 -15.33 -9.89 19.01
CA LYS B 227 -14.64 -10.91 19.78
C LYS B 227 -14.45 -10.44 21.22
N GLN B 228 -14.36 -9.13 21.38
CA GLN B 228 -14.19 -8.52 22.68
C GLN B 228 -15.47 -8.66 23.51
N PHE B 229 -16.62 -8.56 22.86
CA PHE B 229 -17.89 -8.74 23.57
C PHE B 229 -17.96 -10.18 24.06
N MET B 230 -17.68 -11.11 23.16
CA MET B 230 -17.68 -12.53 23.47
C MET B 230 -16.65 -12.85 24.56
N GLU B 231 -15.55 -12.12 24.57
CA GLU B 231 -14.51 -12.34 25.55
C GLU B 231 -15.04 -11.98 26.94
N ILE B 232 -15.66 -10.81 27.04
CA ILE B 232 -16.21 -10.35 28.31
C ILE B 232 -17.11 -11.43 28.89
N GLY B 233 -17.92 -12.05 28.03
CA GLY B 233 -18.78 -13.14 28.47
C GLY B 233 -20.19 -12.85 28.94
N SER B 234 -20.37 -11.85 29.79
CA SER B 234 -21.71 -11.52 30.29
C SER B 234 -21.77 -10.11 30.83
N PRO B 235 -22.95 -9.47 30.72
CA PRO B 235 -23.12 -8.10 31.20
C PRO B 235 -22.63 -7.85 32.63
N GLU B 236 -22.51 -8.91 33.42
CA GLU B 236 -22.06 -8.79 34.81
C GLU B 236 -20.55 -8.64 34.97
N LYS B 237 -19.80 -9.14 33.99
CA LYS B 237 -18.35 -9.07 34.04
C LYS B 237 -17.78 -7.83 33.38
N VAL B 238 -18.62 -7.13 32.62
CA VAL B 238 -18.24 -5.92 31.90
C VAL B 238 -17.46 -4.87 32.69
N GLU B 239 -18.07 -4.35 33.76
CA GLU B 239 -17.41 -3.32 34.57
C GLU B 239 -16.02 -3.78 35.01
N GLU B 240 -15.94 -5.02 35.49
CA GLU B 240 -14.68 -5.59 35.94
C GLU B 240 -13.68 -5.54 34.80
N TRP B 241 -14.03 -6.20 33.70
CA TRP B 241 -13.19 -6.23 32.51
C TRP B 241 -12.81 -4.83 32.07
N PHE B 242 -13.79 -3.94 32.00
CA PHE B 242 -13.55 -2.57 31.56
C PHE B 242 -12.44 -1.85 32.30
N PHE B 243 -12.39 -2.00 33.62
CA PHE B 243 -11.38 -1.32 34.40
C PHE B 243 -10.02 -2.02 34.36
N LYS B 244 -10.03 -3.34 34.28
CA LYS B 244 -8.78 -4.07 34.20
C LYS B 244 -8.13 -3.63 32.89
N ALA B 245 -8.97 -3.38 31.88
CA ALA B 245 -8.51 -2.95 30.56
C ALA B 245 -7.93 -1.55 30.63
N LEU B 246 -8.67 -0.63 31.23
CA LEU B 246 -8.22 0.75 31.33
C LEU B 246 -6.89 0.82 32.10
N GLN B 247 -6.77 0.01 33.14
CA GLN B 247 -5.57 -0.02 33.96
C GLN B 247 -4.41 -0.66 33.18
N GLN B 248 -4.73 -1.66 32.36
CA GLN B 248 -3.73 -2.35 31.57
C GLN B 248 -3.36 -1.55 30.33
N LYS B 249 -3.97 -0.37 30.19
CA LYS B 249 -3.72 0.48 29.04
C LYS B 249 -4.05 -0.26 27.74
N ARG B 250 -5.07 -1.11 27.82
CA ARG B 250 -5.52 -1.87 26.66
C ARG B 250 -6.58 -1.00 25.99
N LYS B 251 -6.56 -0.93 24.67
CA LYS B 251 -7.52 -0.11 23.94
C LYS B 251 -8.85 -0.83 23.84
N ILE B 252 -9.93 -0.06 23.99
CA ILE B 252 -11.26 -0.64 23.88
C ILE B 252 -11.59 -0.61 22.39
N MET B 253 -11.71 -1.79 21.80
CA MET B 253 -12.00 -1.90 20.38
C MET B 253 -13.41 -1.45 20.03
N GLY B 254 -13.50 -0.60 19.02
CA GLY B 254 -14.79 -0.08 18.61
C GLY B 254 -15.01 1.31 19.17
N ALA B 255 -14.04 1.77 19.96
CA ALA B 255 -14.12 3.10 20.58
C ALA B 255 -12.92 3.96 20.19
N GLY B 256 -13.15 5.27 20.11
CA GLY B 256 -12.10 6.20 19.74
C GLY B 256 -12.10 6.49 18.25
N HIS B 257 -11.60 7.66 17.87
CA HIS B 257 -11.53 8.05 16.46
C HIS B 257 -10.66 9.30 16.34
N ARG B 258 -9.85 9.37 15.29
CA ARG B 258 -8.99 10.53 15.11
C ARG B 258 -9.81 11.80 14.93
N VAL B 259 -10.93 11.67 14.23
CA VAL B 259 -11.78 12.83 13.96
C VAL B 259 -12.99 12.97 14.89
N TYR B 260 -13.87 11.97 14.93
CA TYR B 260 -15.03 12.04 15.80
C TYR B 260 -14.64 12.13 17.26
N LYS B 261 -15.13 13.17 17.93
CA LYS B 261 -14.85 13.35 19.34
C LYS B 261 -16.15 13.07 20.09
N THR B 262 -17.17 12.73 19.31
CA THR B 262 -18.50 12.39 19.80
C THR B 262 -18.91 11.08 19.14
N TYR B 263 -20.10 10.60 19.45
CA TYR B 263 -20.60 9.35 18.88
C TYR B 263 -20.56 9.39 17.35
N ASP B 264 -20.00 8.36 16.76
CA ASP B 264 -19.89 8.22 15.31
C ASP B 264 -21.30 8.10 14.73
N PRO B 265 -21.65 8.96 13.75
CA PRO B 265 -22.99 8.91 13.14
C PRO B 265 -23.29 7.53 12.54
N ARG B 266 -22.25 6.87 12.05
CA ARG B 266 -22.40 5.54 11.46
C ARG B 266 -22.63 4.51 12.56
N ALA B 267 -22.01 4.71 13.71
CA ALA B 267 -22.19 3.81 14.84
C ALA B 267 -23.65 3.88 15.35
N ARG B 268 -24.26 5.07 15.26
CA ARG B 268 -25.64 5.27 15.70
C ARG B 268 -26.53 4.35 14.87
N ILE B 269 -26.38 4.43 13.57
CA ILE B 269 -27.18 3.62 12.65
C ILE B 269 -26.92 2.13 12.83
N PHE B 270 -25.65 1.74 12.99
CA PHE B 270 -25.31 0.33 13.16
C PHE B 270 -25.94 -0.23 14.44
N LYS B 271 -25.95 0.57 15.51
CA LYS B 271 -26.53 0.13 16.78
C LYS B 271 -28.00 -0.24 16.58
N LYS B 272 -28.73 0.59 15.83
CA LYS B 272 -30.13 0.32 15.57
C LYS B 272 -30.31 -1.05 14.94
N TYR B 273 -29.55 -1.34 13.89
CA TYR B 273 -29.64 -2.62 13.22
C TYR B 273 -29.14 -3.75 14.10
N ALA B 274 -28.16 -3.45 14.94
CA ALA B 274 -27.61 -4.45 15.88
C ALA B 274 -28.71 -4.79 16.87
N SER B 275 -29.51 -3.78 17.22
CA SER B 275 -30.60 -3.96 18.16
C SER B 275 -31.67 -4.90 17.59
N LYS B 276 -31.92 -4.75 16.29
CA LYS B 276 -32.92 -5.55 15.61
C LYS B 276 -32.44 -6.94 15.16
N LEU B 277 -31.21 -7.03 14.67
CA LEU B 277 -30.69 -8.31 14.19
C LEU B 277 -29.65 -9.00 15.05
N GLY B 278 -29.07 -8.28 16.00
CA GLY B 278 -28.03 -8.85 16.84
C GLY B 278 -28.45 -9.78 17.96
N ASP B 279 -27.48 -10.57 18.41
CA ASP B 279 -27.67 -11.52 19.49
C ASP B 279 -27.96 -10.72 20.75
N LYS B 280 -29.00 -11.14 21.49
CA LYS B 280 -29.41 -10.46 22.70
C LYS B 280 -28.32 -10.24 23.74
N LYS B 281 -27.72 -11.34 24.21
CA LYS B 281 -26.68 -11.23 25.21
C LYS B 281 -25.52 -10.36 24.74
N LEU B 282 -24.98 -10.68 23.57
CA LEU B 282 -23.86 -9.93 23.03
C LEU B 282 -24.22 -8.45 22.99
N PHE B 283 -25.44 -8.14 22.56
CA PHE B 283 -25.88 -6.76 22.50
C PHE B 283 -25.89 -6.15 23.90
N GLU B 284 -26.39 -6.92 24.87
CA GLU B 284 -26.46 -6.45 26.25
C GLU B 284 -25.04 -6.13 26.70
N ILE B 285 -24.12 -7.06 26.47
CA ILE B 285 -22.72 -6.86 26.85
C ILE B 285 -22.15 -5.60 26.19
N ALA B 286 -22.39 -5.45 24.90
CA ALA B 286 -21.90 -4.29 24.16
C ALA B 286 -22.52 -3.02 24.71
N GLU B 287 -23.78 -3.09 25.11
CA GLU B 287 -24.48 -1.93 25.64
C GLU B 287 -23.91 -1.46 26.98
N ARG B 288 -23.65 -2.39 27.88
CA ARG B 288 -23.10 -2.05 29.18
C ARG B 288 -21.73 -1.41 28.99
N LEU B 289 -20.92 -2.00 28.11
CA LEU B 289 -19.59 -1.48 27.84
C LEU B 289 -19.70 -0.10 27.20
N GLU B 290 -20.69 0.09 26.35
CA GLU B 290 -20.89 1.38 25.69
C GLU B 290 -21.15 2.45 26.73
N ARG B 291 -21.87 2.07 27.78
CA ARG B 291 -22.22 3.00 28.85
C ARG B 291 -20.99 3.37 29.67
N LEU B 292 -20.15 2.39 29.96
CA LEU B 292 -18.94 2.63 30.72
C LEU B 292 -17.99 3.57 29.96
N VAL B 293 -18.02 3.49 28.64
CA VAL B 293 -17.18 4.32 27.79
C VAL B 293 -17.72 5.75 27.78
N GLU B 294 -19.04 5.88 27.59
CA GLU B 294 -19.69 7.18 27.57
C GLU B 294 -19.54 7.84 28.94
N GLU B 295 -19.26 7.02 29.94
CA GLU B 295 -19.11 7.50 31.31
C GLU B 295 -17.71 7.95 31.62
N TYR B 296 -16.77 7.04 31.48
CA TYR B 296 -15.37 7.32 31.79
C TYR B 296 -14.51 7.92 30.68
N LEU B 297 -14.72 7.50 29.43
CA LEU B 297 -13.89 8.00 28.34
C LEU B 297 -14.47 9.16 27.55
N SER B 298 -15.78 9.36 27.68
CA SER B 298 -16.48 10.43 26.98
C SER B 298 -15.75 11.77 27.03
N LYS B 299 -15.37 12.21 28.23
CA LYS B 299 -14.68 13.49 28.39
C LYS B 299 -13.39 13.60 27.60
N LYS B 300 -12.70 12.47 27.43
CA LYS B 300 -11.44 12.43 26.71
C LYS B 300 -11.61 12.46 25.18
N GLY B 301 -12.85 12.60 24.72
CA GLY B 301 -13.11 12.62 23.29
C GLY B 301 -13.20 11.23 22.71
N ILE B 302 -13.13 10.22 23.58
CA ILE B 302 -13.21 8.82 23.18
C ILE B 302 -14.65 8.33 23.20
N SER B 303 -15.21 8.12 22.01
CA SER B 303 -16.59 7.66 21.89
C SER B 303 -16.67 6.36 21.11
N ILE B 304 -17.86 6.00 20.68
CA ILE B 304 -18.09 4.77 19.93
C ILE B 304 -17.90 5.01 18.44
N ASN B 305 -17.16 4.11 17.77
CA ASN B 305 -16.96 4.30 16.34
C ASN B 305 -17.69 3.24 15.50
N VAL B 306 -17.68 3.45 14.19
CA VAL B 306 -18.36 2.58 13.24
C VAL B 306 -18.10 1.08 13.36
N ASP B 307 -16.96 0.69 13.91
CA ASP B 307 -16.65 -0.75 14.01
C ASP B 307 -17.15 -1.45 15.28
N TYR B 308 -17.79 -0.70 16.17
CA TYR B 308 -18.29 -1.24 17.42
C TYR B 308 -19.51 -2.15 17.32
N TRP B 309 -20.52 -1.73 16.56
CA TRP B 309 -21.78 -2.46 16.44
C TRP B 309 -22.01 -3.30 15.17
N SER B 310 -21.28 -2.99 14.09
CA SER B 310 -21.49 -3.71 12.83
C SER B 310 -21.30 -5.23 12.93
N GLY B 311 -20.30 -5.66 13.70
CA GLY B 311 -20.07 -7.07 13.85
C GLY B 311 -21.35 -7.80 14.26
N LEU B 312 -22.03 -7.28 15.28
CA LEU B 312 -23.25 -7.92 15.76
C LEU B 312 -24.30 -8.05 14.66
N VAL B 313 -24.37 -7.06 13.78
CA VAL B 313 -25.33 -7.08 12.69
C VAL B 313 -24.98 -8.19 11.68
N PHE B 314 -23.69 -8.30 11.35
CA PHE B 314 -23.25 -9.33 10.40
C PHE B 314 -23.44 -10.71 11.03
N TYR B 315 -23.16 -10.80 12.33
CA TYR B 315 -23.31 -12.06 13.05
C TYR B 315 -24.77 -12.52 12.99
N GLY B 316 -25.69 -11.57 13.12
CA GLY B 316 -27.11 -11.89 13.06
C GLY B 316 -27.57 -12.38 11.70
N MET B 317 -26.80 -12.09 10.66
CA MET B 317 -27.16 -12.53 9.31
C MET B 317 -26.35 -13.77 8.93
N LYS B 318 -25.89 -14.49 9.96
CA LYS B 318 -25.12 -15.72 9.77
C LYS B 318 -23.89 -15.55 8.88
N ILE B 319 -23.09 -14.53 9.18
CA ILE B 319 -21.87 -14.28 8.44
C ILE B 319 -20.71 -14.55 9.38
N PRO B 320 -19.77 -15.43 8.98
CA PRO B 320 -18.61 -15.74 9.82
C PRO B 320 -17.81 -14.48 10.18
N ILE B 321 -17.43 -14.36 11.45
CA ILE B 321 -16.69 -13.21 11.94
C ILE B 321 -15.41 -12.94 11.13
N GLU B 322 -14.78 -14.01 10.66
CA GLU B 322 -13.54 -13.89 9.89
C GLU B 322 -13.70 -13.06 8.62
N LEU B 323 -14.94 -12.79 8.21
CA LEU B 323 -15.16 -12.03 6.99
C LEU B 323 -15.55 -10.57 7.20
N TYR B 324 -15.64 -10.12 8.45
CA TYR B 324 -16.08 -8.75 8.68
C TYR B 324 -15.19 -7.66 8.10
N THR B 325 -13.88 -7.79 8.24
CA THR B 325 -13.02 -6.75 7.67
C THR B 325 -13.09 -6.73 6.14
N THR B 326 -13.23 -7.90 5.52
CA THR B 326 -13.34 -7.98 4.07
C THR B 326 -14.66 -7.34 3.61
N ILE B 327 -15.64 -7.29 4.49
CA ILE B 327 -16.93 -6.66 4.15
C ILE B 327 -16.73 -5.15 4.19
N PHE B 328 -15.91 -4.69 5.13
CA PHE B 328 -15.57 -3.28 5.23
C PHE B 328 -14.92 -2.96 3.88
N ALA B 329 -13.97 -3.80 3.47
CA ALA B 329 -13.28 -3.62 2.19
C ALA B 329 -14.27 -3.59 1.03
N MET B 330 -15.27 -4.47 1.09
CA MET B 330 -16.31 -4.55 0.05
C MET B 330 -17.00 -3.20 -0.15
N GLY B 331 -17.19 -2.46 0.95
CA GLY B 331 -17.81 -1.16 0.84
C GLY B 331 -16.82 -0.05 0.57
N ARG B 332 -15.74 -0.01 1.33
CA ARG B 332 -14.74 1.05 1.19
C ARG B 332 -14.05 1.15 -0.17
N ILE B 333 -14.13 0.10 -0.97
CA ILE B 333 -13.51 0.15 -2.29
C ILE B 333 -14.09 1.31 -3.09
N ALA B 334 -15.33 1.68 -2.77
CA ALA B 334 -15.98 2.78 -3.47
C ALA B 334 -15.29 4.09 -3.16
N GLY B 335 -15.00 4.31 -1.88
CA GLY B 335 -14.33 5.53 -1.46
C GLY B 335 -12.89 5.57 -1.93
N TRP B 336 -12.23 4.42 -1.94
CA TRP B 336 -10.85 4.33 -2.38
C TRP B 336 -10.78 4.75 -3.84
N THR B 337 -11.68 4.18 -4.63
CA THR B 337 -11.74 4.47 -6.07
C THR B 337 -12.05 5.95 -6.31
N ALA B 338 -12.98 6.50 -5.55
CA ALA B 338 -13.36 7.91 -5.70
C ALA B 338 -12.18 8.83 -5.43
N HIS B 339 -11.48 8.61 -4.32
CA HIS B 339 -10.35 9.45 -3.97
C HIS B 339 -9.17 9.31 -4.93
N LEU B 340 -8.96 8.09 -5.42
CA LEU B 340 -7.89 7.81 -6.35
C LEU B 340 -8.10 8.66 -7.59
N ALA B 341 -9.33 8.61 -8.12
CA ALA B 341 -9.69 9.36 -9.31
C ALA B 341 -9.62 10.87 -9.09
N GLU B 342 -10.12 11.33 -7.95
CA GLU B 342 -10.10 12.76 -7.66
C GLU B 342 -8.69 13.31 -7.44
N TYR B 343 -7.88 12.60 -6.67
CA TYR B 343 -6.55 13.09 -6.40
C TYR B 343 -5.64 13.15 -7.62
N VAL B 344 -5.59 12.09 -8.41
CA VAL B 344 -4.73 12.09 -9.58
C VAL B 344 -5.21 13.01 -10.70
N SER B 345 -6.38 13.61 -10.54
CA SER B 345 -6.88 14.53 -11.57
C SER B 345 -6.08 15.82 -11.48
N HIS B 346 -5.38 15.98 -10.37
CA HIS B 346 -4.52 17.14 -10.11
C HIS B 346 -3.39 16.63 -9.22
N ASN B 347 -2.74 15.60 -9.72
CA ASN B 347 -1.67 14.91 -9.01
C ASN B 347 -0.46 15.68 -8.54
N ARG B 348 0.06 15.23 -7.40
CA ARG B 348 1.26 15.76 -6.80
C ARG B 348 1.73 14.62 -5.93
N ILE B 349 2.96 14.15 -6.14
CA ILE B 349 3.46 13.05 -5.34
C ILE B 349 3.42 13.39 -3.85
N ILE B 350 2.99 12.44 -3.02
CA ILE B 350 2.90 12.66 -1.59
C ILE B 350 4.23 12.21 -1.01
N ARG B 351 5.02 13.17 -0.56
CA ARG B 351 6.34 12.86 -0.03
C ARG B 351 6.75 13.92 1.00
N PRO B 352 6.57 13.59 2.30
CA PRO B 352 6.89 14.46 3.43
C PRO B 352 8.34 14.30 3.89
N ARG B 353 8.61 14.65 5.13
CA ARG B 353 9.95 14.54 5.68
C ARG B 353 9.91 13.91 7.07
N LEU B 354 11.10 13.65 7.61
CA LEU B 354 11.25 13.11 8.96
C LEU B 354 12.29 13.98 9.65
N GLN B 355 12.14 14.19 10.95
CA GLN B 355 13.08 15.02 11.70
C GLN B 355 14.22 14.14 12.19
N TYR B 356 15.37 14.23 11.52
CA TYR B 356 16.53 13.44 11.90
C TYR B 356 17.11 13.97 13.20
N VAL B 357 17.36 13.07 14.15
CA VAL B 357 17.89 13.47 15.44
C VAL B 357 19.27 12.89 15.73
N GLY B 358 19.90 12.26 14.73
CA GLY B 358 21.22 11.70 14.92
C GLY B 358 22.31 12.60 14.39
N GLU B 359 23.55 12.11 14.42
CA GLU B 359 24.67 12.91 13.92
C GLU B 359 25.02 12.49 12.51
N ILE B 360 25.78 13.34 11.82
CA ILE B 360 26.20 13.05 10.47
C ILE B 360 27.71 13.27 10.42
N GLY B 361 28.34 12.80 9.34
CA GLY B 361 29.78 12.97 9.21
C GLY B 361 30.57 11.89 9.89
N LYS B 362 29.90 10.81 10.30
CA LYS B 362 30.60 9.71 10.96
C LYS B 362 31.60 9.13 9.96
N LYS B 363 32.78 8.74 10.45
CA LYS B 363 33.81 8.18 9.60
C LYS B 363 33.82 6.66 9.66
N TYR B 364 33.76 6.05 8.47
CA TYR B 364 33.75 4.60 8.35
C TYR B 364 35.00 3.96 8.93
N LEU B 365 34.81 3.01 9.84
CA LEU B 365 35.94 2.32 10.46
C LEU B 365 36.05 0.89 9.94
N PRO B 366 37.22 0.50 9.44
CA PRO B 366 37.43 -0.84 8.92
C PRO B 366 36.91 -1.88 9.91
N ILE B 367 36.23 -2.90 9.40
CA ILE B 367 35.65 -3.94 10.24
C ILE B 367 36.62 -4.58 11.24
N GLU B 368 37.88 -4.74 10.86
CA GLU B 368 38.87 -5.34 11.74
C GLU B 368 39.17 -4.43 12.93
N LEU B 369 39.03 -3.12 12.72
CA LEU B 369 39.29 -2.13 13.76
C LEU B 369 38.08 -1.94 14.67
N ARG B 370 37.02 -2.69 14.42
CA ARG B 370 35.80 -2.60 15.23
C ARG B 370 35.88 -3.63 16.35
#